data_1VFT
#
_entry.id   1VFT
#
_cell.length_a   83.770
_cell.length_b   63.540
_cell.length_c   85.320
_cell.angle_alpha   90.00
_cell.angle_beta   118.02
_cell.angle_gamma   90.00
#
_symmetry.space_group_name_H-M   'P 1 21 1'
#
loop_
_entity.id
_entity.type
_entity.pdbx_description
1 polymer 'alanine racemase'
2 non-polymer 'CHLORIDE ION'
3 non-polymer D-[3-HYDROXY-2-METHYL-5-PHOSPHONOOXYMETHYL-PYRIDIN-4-YLMETHYL]-N,O-CYCLOSERYLAMIDE
4 water water
#
_entity_poly.entity_id   1
_entity_poly.type   'polypeptide(L)'
_entity_poly.pdbx_seq_one_letter_code
;MNETPTRVYAEIDLDAVRANVRALRARAPRSALMAVVKSNAYGHGAVPCARAAQEAGAAWLGTATPEEALELRAAGIQGR
IMCWLWTPGGPWREAIETDIDVSVSGMWALDEVRAAARAAGRTARIQL(KCX)ADTGLGRNGCQPADWAELVGAAVAAQA
EGTVQVTGVWSHFACADEPGHPSIRLQLDAFRDMLAYAEKEGVDPEVRHIANSPATLTLPETHFDLVRTGLAVYGVSPSP
ELGTPAQLGLRPAMTLRASLALVKTVPAGHGVSYGHHYVTESETHLALVPAGYADGIPRNASGRGPVLVAGKIRRAAGRI
AMDQFVVDLGEDLAEAGDEAVILGDAERGEPTAEDWAQAAHTIAYEIVTRIGGRVPRVYLGGLEHHHHHH
;
_entity_poly.pdbx_strand_id   A,B
#
loop_
_chem_comp.id
_chem_comp.type
_chem_comp.name
_chem_comp.formula
CL non-polymer 'CHLORIDE ION' 'Cl -1'
DCS non-polymer D-[3-HYDROXY-2-METHYL-5-PHOSPHONOOXYMETHYL-PYRIDIN-4-YLMETHYL]-N,O-CYCLOSERYLAMIDE 'C11 H16 N3 O7 P'
#
# COMPACT_ATOMS: atom_id res chain seq x y z
N THR A 4 20.86 11.51 -0.17
CA THR A 4 19.97 10.47 0.44
C THR A 4 18.65 11.07 0.91
N PRO A 5 17.55 10.31 0.80
CA PRO A 5 16.22 10.77 1.21
C PRO A 5 16.23 11.43 2.60
N THR A 6 15.42 12.46 2.72
CA THR A 6 15.34 13.24 3.93
C THR A 6 14.26 12.81 4.93
N ARG A 7 13.19 12.23 4.40
CA ARG A 7 12.07 11.80 5.23
C ARG A 7 12.14 10.35 5.65
N VAL A 8 11.99 9.46 4.67
CA VAL A 8 12.03 8.02 4.90
C VAL A 8 12.45 7.35 3.59
N TYR A 9 13.03 6.15 3.67
CA TYR A 9 13.47 5.44 2.47
C TYR A 9 13.80 3.99 2.79
N ALA A 10 13.89 3.17 1.75
CA ALA A 10 14.19 1.76 1.91
C ALA A 10 15.46 1.40 1.15
N GLU A 11 16.34 0.68 1.81
CA GLU A 11 17.58 0.26 1.19
C GLU A 11 17.56 -1.26 1.00
N ILE A 12 17.78 -1.69 -0.23
CA ILE A 12 17.78 -3.10 -0.61
C ILE A 12 19.21 -3.60 -0.82
N ASP A 13 19.57 -4.63 -0.06
CA ASP A 13 20.90 -5.22 -0.12
C ASP A 13 20.92 -6.36 -1.15
N LEU A 14 21.32 -6.04 -2.37
CA LEU A 14 21.37 -7.01 -3.46
C LEU A 14 22.27 -8.23 -3.19
N ASP A 15 23.22 -8.11 -2.27
CA ASP A 15 24.12 -9.21 -1.93
C ASP A 15 23.38 -10.22 -1.06
N ALA A 16 22.39 -9.73 -0.32
CA ALA A 16 21.60 -10.59 0.54
C ALA A 16 20.74 -11.46 -0.37
N VAL A 17 20.28 -10.87 -1.47
CA VAL A 17 19.47 -11.59 -2.45
C VAL A 17 20.31 -12.66 -3.13
N ARG A 18 21.46 -12.27 -3.66
CA ARG A 18 22.38 -13.17 -4.35
C ARG A 18 22.78 -14.37 -3.49
N ALA A 19 22.97 -14.13 -2.20
CA ALA A 19 23.36 -15.18 -1.25
C ALA A 19 22.21 -16.11 -0.86
N ASN A 20 21.00 -15.58 -0.80
CA ASN A 20 19.83 -16.36 -0.42
C ASN A 20 19.52 -17.43 -1.46
N VAL A 21 19.54 -17.07 -2.74
CA VAL A 21 19.26 -18.03 -3.79
C VAL A 21 20.34 -19.11 -3.86
N ARG A 22 21.60 -18.71 -3.67
CA ARG A 22 22.72 -19.66 -3.71
C ARG A 22 22.56 -20.70 -2.61
N ALA A 23 21.92 -20.27 -1.52
CA ALA A 23 21.67 -21.13 -0.37
C ALA A 23 20.52 -22.08 -0.68
N LEU A 24 19.45 -21.53 -1.26
CA LEU A 24 18.26 -22.29 -1.61
C LEU A 24 18.52 -23.38 -2.64
N ARG A 25 19.35 -23.07 -3.63
CA ARG A 25 19.69 -24.04 -4.66
C ARG A 25 20.34 -25.26 -4.01
N ALA A 26 21.28 -25.00 -3.10
CA ALA A 26 21.99 -26.07 -2.42
C ALA A 26 21.08 -26.95 -1.58
N ARG A 27 19.78 -26.65 -1.58
CA ARG A 27 18.80 -27.41 -0.81
C ARG A 27 17.99 -28.37 -1.68
N ALA A 28 17.89 -28.06 -2.96
CA ALA A 28 17.16 -28.90 -3.91
C ALA A 28 18.14 -29.18 -5.04
N PRO A 29 19.21 -29.92 -4.72
CA PRO A 29 20.29 -30.30 -5.64
C PRO A 29 19.90 -30.86 -7.00
N ARG A 30 18.77 -31.56 -7.06
CA ARG A 30 18.34 -32.15 -8.32
C ARG A 30 17.12 -31.47 -8.93
N SER A 31 16.89 -30.23 -8.55
CA SER A 31 15.75 -29.48 -9.07
C SER A 31 16.19 -28.08 -9.48
N ALA A 32 15.49 -27.51 -10.46
CA ALA A 32 15.78 -26.16 -10.93
C ALA A 32 15.15 -25.18 -9.96
N LEU A 33 15.49 -23.89 -10.09
CA LEU A 33 14.96 -22.86 -9.21
C LEU A 33 14.27 -21.74 -9.97
N MET A 34 13.01 -21.49 -9.63
CA MET A 34 12.26 -20.38 -10.24
C MET A 34 12.07 -19.30 -9.20
N ALA A 35 12.71 -18.15 -9.41
CA ALA A 35 12.57 -17.04 -8.47
C ALA A 35 11.26 -16.31 -8.76
N VAL A 36 10.46 -16.10 -7.71
CA VAL A 36 9.17 -15.41 -7.83
C VAL A 36 9.32 -13.94 -7.42
N VAL A 37 9.30 -13.05 -8.41
CA VAL A 37 9.46 -11.62 -8.14
C VAL A 37 8.17 -10.83 -8.38
N LYS A 38 7.02 -11.46 -8.18
CA LYS A 38 5.76 -10.76 -8.38
C LYS A 38 5.57 -9.69 -7.32
N SER A 39 4.66 -8.76 -7.59
CA SER A 39 4.37 -7.68 -6.66
C SER A 39 5.62 -6.86 -6.37
N ASN A 40 6.29 -6.42 -7.45
CA ASN A 40 7.51 -5.64 -7.32
C ASN A 40 8.46 -6.35 -6.39
N ALA A 41 8.65 -7.64 -6.66
CA ALA A 41 9.52 -8.48 -5.87
C ALA A 41 9.16 -8.32 -4.40
N TYR A 42 7.89 -8.55 -4.08
CA TYR A 42 7.43 -8.45 -2.71
C TYR A 42 7.89 -7.13 -2.07
N GLY A 43 7.87 -6.06 -2.87
CA GLY A 43 8.23 -4.74 -2.38
C GLY A 43 9.70 -4.37 -2.44
N HIS A 44 10.52 -5.25 -2.98
CA HIS A 44 11.96 -5.02 -3.04
C HIS A 44 12.48 -4.40 -4.32
N GLY A 45 11.63 -4.24 -5.33
CA GLY A 45 12.07 -3.69 -6.59
C GLY A 45 12.24 -4.86 -7.54
N ALA A 46 11.30 -4.98 -8.48
CA ALA A 46 11.24 -6.08 -9.45
C ALA A 46 12.41 -6.31 -10.41
N VAL A 47 12.73 -5.33 -11.24
CA VAL A 47 13.82 -5.50 -12.19
C VAL A 47 15.17 -5.77 -11.52
N PRO A 48 15.58 -4.93 -10.55
CA PRO A 48 16.85 -5.10 -9.83
C PRO A 48 17.04 -6.47 -9.20
N CYS A 49 15.98 -6.97 -8.57
CA CYS A 49 16.03 -8.27 -7.92
C CYS A 49 15.98 -9.42 -8.92
N ALA A 50 15.24 -9.24 -10.01
CA ALA A 50 15.13 -10.27 -11.03
C ALA A 50 16.51 -10.55 -11.64
N ARG A 51 17.27 -9.50 -11.89
CA ARG A 51 18.62 -9.63 -12.45
C ARG A 51 19.55 -10.27 -11.42
N ALA A 52 19.47 -9.79 -10.19
CA ALA A 52 20.31 -10.31 -9.11
C ALA A 52 20.18 -11.82 -8.91
N ALA A 53 18.93 -12.30 -8.90
CA ALA A 53 18.65 -13.71 -8.69
C ALA A 53 19.06 -14.58 -9.87
N GLN A 54 18.88 -14.06 -11.08
CA GLN A 54 19.26 -14.81 -12.28
C GLN A 54 20.75 -15.07 -12.23
N GLU A 55 21.53 -13.99 -12.21
CA GLU A 55 22.99 -14.08 -12.17
C GLU A 55 23.48 -14.98 -11.02
N ALA A 56 22.69 -15.03 -9.95
CA ALA A 56 23.07 -15.83 -8.80
C ALA A 56 22.74 -17.32 -8.98
N GLY A 57 21.83 -17.64 -9.91
CA GLY A 57 21.50 -19.03 -10.14
C GLY A 57 20.07 -19.43 -10.51
N ALA A 58 19.13 -18.50 -10.53
CA ALA A 58 17.75 -18.83 -10.87
C ALA A 58 17.58 -19.09 -12.35
N ALA A 59 17.02 -20.25 -12.71
CA ALA A 59 16.82 -20.61 -14.11
C ALA A 59 15.46 -20.15 -14.65
N TRP A 60 14.50 -19.96 -13.75
CA TRP A 60 13.15 -19.52 -14.11
C TRP A 60 12.74 -18.29 -13.28
N LEU A 61 11.92 -17.43 -13.88
CA LEU A 61 11.43 -16.26 -13.15
C LEU A 61 9.91 -16.42 -13.11
N GLY A 62 9.29 -15.99 -12.02
CA GLY A 62 7.85 -16.13 -11.90
C GLY A 62 7.17 -14.88 -11.38
N THR A 63 6.15 -14.45 -12.11
CA THR A 63 5.37 -13.28 -11.76
C THR A 63 3.91 -13.73 -11.91
N ALA A 64 3.00 -13.04 -11.24
CA ALA A 64 1.60 -13.42 -11.29
C ALA A 64 0.85 -12.92 -12.52
N THR A 65 1.08 -11.68 -12.91
CA THR A 65 0.37 -11.13 -14.05
C THR A 65 1.24 -10.97 -15.29
N PRO A 66 0.60 -11.01 -16.48
CA PRO A 66 1.30 -10.86 -17.76
C PRO A 66 2.07 -9.53 -17.84
N GLU A 67 1.50 -8.48 -17.22
CA GLU A 67 2.13 -7.17 -17.22
C GLU A 67 3.46 -7.18 -16.48
N GLU A 68 3.48 -7.84 -15.33
CA GLU A 68 4.71 -7.94 -14.55
C GLU A 68 5.74 -8.73 -15.35
N ALA A 69 5.25 -9.62 -16.20
CA ALA A 69 6.11 -10.46 -17.03
C ALA A 69 6.60 -9.71 -18.26
N LEU A 70 5.75 -8.86 -18.80
CA LEU A 70 6.10 -8.09 -19.97
C LEU A 70 7.03 -6.95 -19.61
N GLU A 71 7.02 -6.56 -18.33
CA GLU A 71 7.89 -5.50 -17.86
C GLU A 71 9.31 -6.04 -17.72
N LEU A 72 9.40 -7.30 -17.28
CA LEU A 72 10.68 -7.95 -17.10
C LEU A 72 11.37 -8.10 -18.45
N ARG A 73 10.60 -8.54 -19.45
CA ARG A 73 11.15 -8.71 -20.80
C ARG A 73 11.54 -7.34 -21.32
N ALA A 74 10.63 -6.38 -21.16
CA ALA A 74 10.88 -5.03 -21.62
C ALA A 74 12.15 -4.46 -20.98
N ALA A 75 12.47 -4.93 -19.78
CA ALA A 75 13.66 -4.47 -19.08
C ALA A 75 14.92 -5.18 -19.59
N GLY A 76 14.74 -6.09 -20.54
CA GLY A 76 15.86 -6.80 -21.12
C GLY A 76 16.24 -8.14 -20.53
N ILE A 77 15.39 -8.70 -19.67
CA ILE A 77 15.68 -10.00 -19.05
C ILE A 77 15.32 -11.16 -19.98
N GLN A 78 16.21 -12.15 -20.08
CA GLN A 78 16.00 -13.33 -20.92
C GLN A 78 15.61 -14.53 -20.09
N GLY A 79 15.95 -15.72 -20.59
CA GLY A 79 15.63 -16.94 -19.87
C GLY A 79 14.15 -17.27 -19.81
N ARG A 80 13.83 -18.36 -19.13
CA ARG A 80 12.44 -18.78 -18.99
C ARG A 80 11.70 -17.93 -17.98
N ILE A 81 10.46 -17.60 -18.30
CA ILE A 81 9.61 -16.79 -17.42
C ILE A 81 8.19 -17.31 -17.55
N MET A 82 7.42 -17.24 -16.47
CA MET A 82 6.06 -17.72 -16.49
C MET A 82 5.11 -16.91 -15.61
N CYS A 83 3.89 -16.70 -16.10
CA CYS A 83 2.88 -15.98 -15.33
C CYS A 83 1.60 -16.81 -15.34
N TRP A 84 0.88 -16.80 -14.22
CA TRP A 84 -0.32 -17.60 -14.08
C TRP A 84 -1.65 -16.90 -13.88
N LEU A 85 -1.64 -15.65 -13.44
CA LEU A 85 -2.90 -14.93 -13.23
C LEU A 85 -3.38 -14.27 -14.52
N TRP A 86 -4.40 -14.85 -15.13
CA TRP A 86 -4.94 -14.35 -16.38
C TRP A 86 -6.45 -14.09 -16.32
N THR A 87 -6.92 -13.18 -17.16
CA THR A 87 -8.35 -12.88 -17.23
C THR A 87 -8.71 -12.75 -18.70
N PRO A 88 -9.98 -12.97 -19.05
CA PRO A 88 -10.34 -12.84 -20.47
C PRO A 88 -9.85 -11.51 -21.07
N GLY A 89 -9.23 -11.60 -22.23
CA GLY A 89 -8.75 -10.40 -22.90
C GLY A 89 -7.33 -9.99 -22.57
N GLY A 90 -6.64 -10.80 -21.76
CA GLY A 90 -5.28 -10.48 -21.38
C GLY A 90 -4.39 -10.37 -22.61
N PRO A 91 -3.10 -10.01 -22.43
CA PRO A 91 -2.19 -9.88 -23.57
C PRO A 91 -1.59 -11.22 -23.97
N TRP A 92 -2.44 -12.14 -24.44
CA TRP A 92 -2.00 -13.46 -24.86
C TRP A 92 -1.00 -13.35 -25.99
N ARG A 93 -1.40 -12.66 -27.06
CA ARG A 93 -0.54 -12.47 -28.21
C ARG A 93 0.82 -11.95 -27.76
N GLU A 94 0.81 -10.74 -27.23
CA GLU A 94 2.02 -10.09 -26.75
C GLU A 94 2.85 -11.04 -25.88
N ALA A 95 2.19 -11.79 -25.01
CA ALA A 95 2.88 -12.72 -24.13
C ALA A 95 3.51 -13.89 -24.88
N ILE A 96 2.82 -14.35 -25.92
CA ILE A 96 3.31 -15.48 -26.72
C ILE A 96 4.47 -15.05 -27.62
N GLU A 97 4.38 -13.85 -28.18
CA GLU A 97 5.43 -13.33 -29.05
C GLU A 97 6.72 -13.14 -28.25
N THR A 98 6.58 -12.79 -26.98
CA THR A 98 7.71 -12.56 -26.11
C THR A 98 8.17 -13.85 -25.44
N ASP A 99 7.75 -14.98 -25.97
CA ASP A 99 8.14 -16.28 -25.45
C ASP A 99 7.99 -16.40 -23.92
N ILE A 100 6.74 -16.36 -23.45
CA ILE A 100 6.47 -16.46 -22.02
C ILE A 100 5.58 -17.67 -21.71
N ASP A 101 6.05 -18.55 -20.83
CA ASP A 101 5.28 -19.73 -20.44
C ASP A 101 4.04 -19.31 -19.67
N VAL A 102 2.85 -19.57 -20.22
CA VAL A 102 1.63 -19.18 -19.52
C VAL A 102 0.87 -20.39 -18.96
N SER A 103 0.01 -20.13 -17.98
CA SER A 103 -0.74 -21.19 -17.32
C SER A 103 -2.21 -21.21 -17.71
N VAL A 104 -2.70 -22.43 -18.00
CA VAL A 104 -4.08 -22.67 -18.39
C VAL A 104 -4.74 -23.59 -17.35
N SER A 105 -5.83 -23.11 -16.75
CA SER A 105 -6.54 -23.89 -15.72
C SER A 105 -7.99 -24.16 -16.13
N GLY A 106 -8.43 -23.49 -17.20
CA GLY A 106 -9.78 -23.64 -17.69
C GLY A 106 -9.77 -23.76 -19.20
N MET A 107 -10.95 -23.93 -19.80
CA MET A 107 -11.02 -24.06 -21.24
C MET A 107 -11.02 -22.71 -21.92
N TRP A 108 -11.68 -21.72 -21.31
CA TRP A 108 -11.73 -20.38 -21.90
C TRP A 108 -10.33 -19.87 -22.19
N ALA A 109 -9.37 -20.25 -21.35
CA ALA A 109 -7.97 -19.83 -21.52
C ALA A 109 -7.41 -20.54 -22.74
N LEU A 110 -7.51 -21.87 -22.74
CA LEU A 110 -7.00 -22.69 -23.83
C LEU A 110 -7.43 -22.14 -25.19
N ASP A 111 -8.72 -21.88 -25.34
CA ASP A 111 -9.24 -21.37 -26.60
C ASP A 111 -8.69 -20.00 -26.95
N GLU A 112 -8.35 -19.21 -25.94
CA GLU A 112 -7.79 -17.88 -26.18
C GLU A 112 -6.33 -17.98 -26.63
N VAL A 113 -5.53 -18.76 -25.92
CA VAL A 113 -4.14 -18.91 -26.29
C VAL A 113 -4.07 -19.56 -27.66
N ARG A 114 -5.03 -20.43 -27.96
CA ARG A 114 -5.09 -21.11 -29.24
C ARG A 114 -5.36 -20.11 -30.36
N ALA A 115 -6.33 -19.23 -30.13
CA ALA A 115 -6.65 -18.21 -31.12
C ALA A 115 -5.46 -17.26 -31.24
N ALA A 116 -4.76 -17.05 -30.12
CA ALA A 116 -3.60 -16.17 -30.05
C ALA A 116 -2.37 -16.74 -30.74
N ALA A 117 -2.06 -18.01 -30.44
CA ALA A 117 -0.92 -18.67 -31.07
C ALA A 117 -1.12 -18.64 -32.59
N ARG A 118 -2.38 -18.56 -33.01
CA ARG A 118 -2.76 -18.53 -34.42
C ARG A 118 -2.37 -17.19 -35.03
N ALA A 119 -2.83 -16.11 -34.40
CA ALA A 119 -2.52 -14.78 -34.89
C ALA A 119 -1.02 -14.56 -34.83
N ALA A 120 -0.43 -14.90 -33.69
CA ALA A 120 1.01 -14.75 -33.48
C ALA A 120 1.83 -15.62 -34.42
N GLY A 121 1.17 -16.54 -35.12
CA GLY A 121 1.89 -17.41 -36.03
C GLY A 121 3.03 -18.08 -35.28
N ARG A 122 2.71 -18.57 -34.07
CA ARG A 122 3.70 -19.21 -33.22
C ARG A 122 3.03 -20.24 -32.31
N THR A 123 3.84 -21.12 -31.73
CA THR A 123 3.34 -22.14 -30.83
C THR A 123 3.54 -21.64 -29.40
N ALA A 124 2.49 -21.74 -28.60
CA ALA A 124 2.55 -21.28 -27.23
C ALA A 124 2.84 -22.42 -26.27
N ARG A 125 3.81 -22.19 -25.38
CA ARG A 125 4.16 -23.17 -24.36
C ARG A 125 3.23 -22.91 -23.20
N ILE A 126 2.43 -23.90 -22.84
CA ILE A 126 1.48 -23.74 -21.73
C ILE A 126 1.79 -24.72 -20.60
N GLN A 127 1.28 -24.42 -19.42
CA GLN A 127 1.49 -25.28 -18.27
C GLN A 127 0.10 -25.49 -17.67
N LEU A 128 -0.21 -26.74 -17.34
CA LEU A 128 -1.52 -27.06 -16.79
C LEU A 128 -1.51 -27.07 -15.27
N KCX A 129 -2.34 -26.23 -14.68
CA KCX A 129 -2.44 -26.17 -13.22
CB KCX A 129 -2.74 -24.76 -12.73
CG KCX A 129 -2.15 -24.49 -11.35
CD KCX A 129 -3.16 -23.87 -10.40
CE KCX A 129 -2.57 -23.70 -9.00
NZ KCX A 129 -2.44 -22.27 -8.65
C KCX A 129 -3.54 -27.10 -12.74
O KCX A 129 -4.64 -27.12 -13.31
CX KCX A 129 -3.27 -21.58 -7.67
OQ1 KCX A 129 -4.16 -22.18 -7.04
OQ2 KCX A 129 -3.10 -20.35 -7.48
N ALA A 130 -3.24 -27.85 -11.70
CA ALA A 130 -4.18 -28.80 -11.12
C ALA A 130 -4.52 -28.38 -9.70
N ASP A 131 -5.81 -28.27 -9.40
CA ASP A 131 -6.24 -27.90 -8.06
C ASP A 131 -6.25 -29.17 -7.23
N THR A 132 -5.23 -29.32 -6.39
CA THR A 132 -5.09 -30.50 -5.55
C THR A 132 -5.50 -30.30 -4.10
N GLY A 133 -6.24 -29.23 -3.81
CA GLY A 133 -6.65 -28.99 -2.44
C GLY A 133 -6.77 -27.53 -2.03
N LEU A 134 -5.98 -26.66 -2.65
CA LEU A 134 -6.03 -25.24 -2.33
C LEU A 134 -7.42 -24.68 -2.58
N GLY A 135 -8.08 -25.18 -3.62
CA GLY A 135 -9.43 -24.73 -3.96
C GLY A 135 -9.44 -23.32 -4.52
N ARG A 136 -8.26 -22.82 -4.85
CA ARG A 136 -8.11 -21.48 -5.40
C ARG A 136 -8.25 -21.50 -6.92
N ASN A 137 -7.12 -21.67 -7.60
CA ASN A 137 -7.09 -21.72 -9.05
C ASN A 137 -6.83 -23.16 -9.46
N GLY A 138 -6.62 -23.38 -10.76
CA GLY A 138 -6.34 -24.72 -11.23
C GLY A 138 -7.56 -25.57 -11.51
N CYS A 139 -7.35 -26.63 -12.28
CA CYS A 139 -8.43 -27.56 -12.64
C CYS A 139 -8.76 -28.52 -11.51
N GLN A 140 -10.05 -28.62 -11.21
CA GLN A 140 -10.54 -29.52 -10.18
C GLN A 140 -10.28 -30.93 -10.72
N PRO A 141 -10.04 -31.90 -9.84
CA PRO A 141 -9.79 -33.27 -10.31
C PRO A 141 -10.85 -33.80 -11.30
N ALA A 142 -12.09 -33.34 -11.15
CA ALA A 142 -13.20 -33.78 -11.99
C ALA A 142 -13.27 -33.19 -13.41
N ASP A 143 -12.35 -32.30 -13.74
CA ASP A 143 -12.34 -31.67 -15.07
C ASP A 143 -10.98 -31.83 -15.73
N TRP A 144 -10.14 -32.63 -15.09
CA TRP A 144 -8.79 -32.90 -15.56
C TRP A 144 -8.75 -33.52 -16.96
N ALA A 145 -9.37 -34.69 -17.12
CA ALA A 145 -9.40 -35.39 -18.40
C ALA A 145 -9.96 -34.51 -19.53
N GLU A 146 -10.97 -33.72 -19.20
CA GLU A 146 -11.55 -32.84 -20.20
C GLU A 146 -10.50 -31.85 -20.67
N LEU A 147 -9.87 -31.17 -19.72
CA LEU A 147 -8.83 -30.18 -20.02
C LEU A 147 -7.61 -30.89 -20.61
N VAL A 148 -7.18 -31.97 -19.97
CA VAL A 148 -6.05 -32.76 -20.43
C VAL A 148 -6.27 -33.20 -21.87
N GLY A 149 -7.52 -33.52 -22.19
CA GLY A 149 -7.84 -33.94 -23.55
C GLY A 149 -7.72 -32.82 -24.54
N ALA A 150 -8.49 -31.75 -24.33
CA ALA A 150 -8.46 -30.61 -25.23
C ALA A 150 -7.03 -30.15 -25.48
N ALA A 151 -6.20 -30.22 -24.43
CA ALA A 151 -4.80 -29.81 -24.52
C ALA A 151 -4.03 -30.65 -25.51
N VAL A 152 -3.96 -31.96 -25.26
CA VAL A 152 -3.23 -32.85 -26.17
C VAL A 152 -3.75 -32.71 -27.60
N ALA A 153 -4.97 -32.20 -27.72
CA ALA A 153 -5.60 -31.97 -29.02
C ALA A 153 -5.01 -30.71 -29.65
N ALA A 154 -4.81 -29.69 -28.81
CA ALA A 154 -4.23 -28.42 -29.26
C ALA A 154 -2.79 -28.65 -29.66
N GLN A 155 -2.20 -29.68 -29.07
CA GLN A 155 -0.84 -30.04 -29.37
C GLN A 155 -0.78 -30.46 -30.84
N ALA A 156 -1.52 -31.52 -31.15
CA ALA A 156 -1.58 -32.07 -32.50
C ALA A 156 -1.83 -31.01 -33.56
N GLU A 157 -2.62 -30.00 -33.23
CA GLU A 157 -2.91 -28.94 -34.20
C GLU A 157 -1.70 -28.02 -34.40
N GLY A 158 -0.70 -28.15 -33.52
CA GLY A 158 0.49 -27.33 -33.61
C GLY A 158 0.30 -25.91 -33.09
N THR A 159 -0.76 -25.68 -32.32
CA THR A 159 -1.02 -24.35 -31.77
C THR A 159 -0.30 -24.18 -30.44
N VAL A 160 -0.52 -25.09 -29.50
CA VAL A 160 0.12 -25.02 -28.19
C VAL A 160 1.17 -26.10 -28.04
N GLN A 161 1.77 -26.15 -26.85
CA GLN A 161 2.77 -27.13 -26.51
C GLN A 161 2.75 -27.17 -25.00
N VAL A 162 2.45 -28.35 -24.43
CA VAL A 162 2.39 -28.48 -22.98
C VAL A 162 3.77 -28.73 -22.37
N THR A 163 4.32 -27.67 -21.81
CA THR A 163 5.65 -27.69 -21.21
C THR A 163 5.70 -28.07 -19.74
N GLY A 164 4.56 -28.07 -19.05
CA GLY A 164 4.59 -28.42 -17.64
C GLY A 164 3.24 -28.63 -16.96
N VAL A 165 3.30 -29.36 -15.86
CA VAL A 165 2.13 -29.68 -15.03
C VAL A 165 2.50 -29.26 -13.61
N TRP A 166 1.64 -28.47 -12.97
CA TRP A 166 1.93 -28.02 -11.62
C TRP A 166 0.76 -27.84 -10.68
N SER A 167 1.07 -27.36 -9.48
CA SER A 167 0.09 -27.13 -8.44
C SER A 167 0.70 -26.27 -7.32
N HIS A 168 -0.15 -25.83 -6.40
CA HIS A 168 0.25 -24.97 -5.28
C HIS A 168 -0.37 -25.42 -3.95
N PHE A 169 0.44 -25.45 -2.89
CA PHE A 169 0.01 -25.88 -1.55
C PHE A 169 -0.81 -24.84 -0.75
N ALA A 170 -1.64 -25.33 0.18
CA ALA A 170 -2.45 -24.45 1.02
C ALA A 170 -1.81 -24.24 2.40
N CYS A 171 -1.26 -25.30 2.99
CA CYS A 171 -0.67 -25.21 4.32
C CYS A 171 0.77 -25.69 4.43
N ALA A 172 1.56 -25.51 3.36
CA ALA A 172 2.95 -25.93 3.37
C ALA A 172 3.69 -25.30 4.55
N ASP A 173 3.41 -24.04 4.81
CA ASP A 173 4.05 -23.30 5.88
C ASP A 173 3.60 -23.71 7.28
N GLU A 174 2.80 -24.76 7.37
CA GLU A 174 2.33 -25.26 8.67
C GLU A 174 2.80 -26.69 8.84
N PRO A 175 4.06 -26.85 9.29
CA PRO A 175 4.75 -28.13 9.53
C PRO A 175 3.86 -29.31 9.91
N GLY A 176 3.95 -30.37 9.10
CA GLY A 176 3.19 -31.57 9.35
C GLY A 176 1.68 -31.45 9.26
N HIS A 177 1.19 -30.68 8.30
CA HIS A 177 -0.25 -30.52 8.14
C HIS A 177 -0.80 -31.65 7.28
N PRO A 178 -1.97 -32.20 7.66
CA PRO A 178 -2.58 -33.30 6.90
C PRO A 178 -2.79 -32.93 5.44
N SER A 179 -3.15 -31.68 5.19
CA SER A 179 -3.39 -31.22 3.84
C SER A 179 -2.17 -31.43 2.97
N ILE A 180 -0.99 -31.27 3.56
CA ILE A 180 0.26 -31.43 2.80
C ILE A 180 0.36 -32.76 2.06
N ARG A 181 0.40 -33.87 2.78
CA ARG A 181 0.50 -35.19 2.16
C ARG A 181 -0.64 -35.44 1.18
N LEU A 182 -1.86 -35.11 1.58
CA LEU A 182 -3.02 -35.29 0.73
C LEU A 182 -2.84 -34.62 -0.62
N GLN A 183 -2.33 -33.40 -0.61
CA GLN A 183 -2.11 -32.65 -1.85
C GLN A 183 -0.96 -33.25 -2.67
N LEU A 184 0.09 -33.69 -1.99
CA LEU A 184 1.21 -34.28 -2.70
C LEU A 184 0.72 -35.51 -3.46
N ASP A 185 -0.09 -36.33 -2.79
CA ASP A 185 -0.62 -37.56 -3.39
C ASP A 185 -1.42 -37.30 -4.66
N ALA A 186 -2.32 -36.32 -4.63
CA ALA A 186 -3.13 -36.02 -5.80
C ALA A 186 -2.22 -35.64 -6.96
N PHE A 187 -1.15 -34.91 -6.67
CA PHE A 187 -0.23 -34.48 -7.72
C PHE A 187 0.32 -35.67 -8.52
N ARG A 188 0.87 -36.66 -7.83
CA ARG A 188 1.42 -37.84 -8.47
C ARG A 188 0.40 -38.59 -9.33
N ASP A 189 -0.85 -38.62 -8.86
CA ASP A 189 -1.93 -39.30 -9.58
C ASP A 189 -2.46 -38.52 -10.78
N MET A 190 -2.64 -37.22 -10.59
CA MET A 190 -3.15 -36.34 -11.64
C MET A 190 -2.07 -36.12 -12.69
N LEU A 191 -0.83 -35.98 -12.24
CA LEU A 191 0.28 -35.77 -13.15
C LEU A 191 0.39 -36.99 -14.04
N ALA A 192 0.54 -38.16 -13.41
CA ALA A 192 0.67 -39.43 -14.13
C ALA A 192 -0.39 -39.62 -15.22
N TYR A 193 -1.66 -39.46 -14.85
CA TYR A 193 -2.72 -39.61 -15.84
C TYR A 193 -2.40 -38.80 -17.08
N ALA A 194 -1.98 -37.55 -16.87
CA ALA A 194 -1.65 -36.67 -17.97
C ALA A 194 -0.53 -37.23 -18.83
N GLU A 195 0.38 -37.98 -18.22
CA GLU A 195 1.48 -38.57 -18.96
C GLU A 195 0.93 -39.66 -19.88
N LYS A 196 0.24 -40.61 -19.28
CA LYS A 196 -0.36 -41.73 -20.00
C LYS A 196 -1.18 -41.28 -21.20
N GLU A 197 -1.97 -40.22 -21.01
CA GLU A 197 -2.80 -39.71 -22.09
C GLU A 197 -2.01 -38.97 -23.17
N GLY A 198 -0.69 -38.99 -23.07
CA GLY A 198 0.14 -38.35 -24.07
C GLY A 198 1.09 -37.23 -23.67
N VAL A 199 0.71 -36.42 -22.70
CA VAL A 199 1.54 -35.29 -22.26
C VAL A 199 2.92 -35.61 -21.74
N ASP A 200 3.91 -34.93 -22.31
CA ASP A 200 5.31 -35.06 -21.92
C ASP A 200 5.73 -33.68 -21.43
N PRO A 201 5.67 -33.45 -20.11
CA PRO A 201 6.04 -32.17 -19.50
C PRO A 201 7.53 -31.89 -19.35
N GLU A 202 7.90 -30.66 -19.62
CA GLU A 202 9.29 -30.22 -19.49
C GLU A 202 9.58 -30.09 -17.99
N VAL A 203 8.54 -29.71 -17.23
CA VAL A 203 8.68 -29.54 -15.78
C VAL A 203 7.40 -29.82 -14.97
N ARG A 204 7.60 -30.34 -13.75
CA ARG A 204 6.51 -30.63 -12.82
C ARG A 204 6.88 -29.95 -11.52
N HIS A 205 6.05 -29.04 -11.05
CA HIS A 205 6.35 -28.34 -9.82
C HIS A 205 5.16 -28.15 -8.90
N ILE A 206 5.44 -28.00 -7.61
CA ILE A 206 4.40 -27.83 -6.61
C ILE A 206 4.92 -27.15 -5.33
N ALA A 207 6.24 -27.10 -5.17
CA ALA A 207 6.83 -26.52 -3.97
C ALA A 207 7.07 -25.00 -3.93
N ASN A 208 6.59 -24.37 -2.85
CA ASN A 208 6.80 -22.94 -2.62
C ASN A 208 7.90 -22.88 -1.57
N SER A 209 8.14 -21.70 -0.99
CA SER A 209 9.19 -21.55 0.01
C SER A 209 9.12 -22.54 1.18
N PRO A 210 8.03 -22.53 1.97
CA PRO A 210 7.97 -23.49 3.08
C PRO A 210 8.24 -24.94 2.65
N ALA A 211 7.46 -25.44 1.70
CA ALA A 211 7.63 -26.82 1.22
C ALA A 211 9.06 -27.07 0.78
N THR A 212 9.63 -26.13 0.02
CA THR A 212 11.01 -26.27 -0.44
C THR A 212 11.98 -26.50 0.71
N LEU A 213 11.86 -25.68 1.75
CA LEU A 213 12.75 -25.76 2.91
C LEU A 213 12.52 -26.98 3.79
N THR A 214 11.31 -27.53 3.77
CA THR A 214 10.96 -28.68 4.61
C THR A 214 10.78 -30.06 3.94
N LEU A 215 10.07 -30.12 2.82
CA LEU A 215 9.83 -31.39 2.13
C LEU A 215 10.59 -31.64 0.83
N PRO A 216 11.60 -32.53 0.87
CA PRO A 216 12.41 -32.87 -0.30
C PRO A 216 11.62 -33.59 -1.40
N GLU A 217 10.53 -34.24 -1.00
CA GLU A 217 9.68 -34.99 -1.93
C GLU A 217 8.64 -34.11 -2.63
N THR A 218 8.84 -32.80 -2.59
CA THR A 218 7.92 -31.89 -3.24
C THR A 218 8.71 -31.11 -4.29
N HIS A 219 9.99 -31.40 -4.36
CA HIS A 219 10.87 -30.73 -5.30
C HIS A 219 10.55 -31.03 -6.75
N PHE A 220 10.70 -32.28 -7.14
CA PHE A 220 10.44 -32.69 -8.52
C PHE A 220 11.42 -32.01 -9.47
N ASP A 221 10.91 -31.40 -10.54
CA ASP A 221 11.78 -30.72 -11.50
C ASP A 221 12.05 -29.27 -11.09
N LEU A 222 10.98 -28.54 -10.82
CA LEU A 222 11.10 -27.15 -10.45
C LEU A 222 10.61 -26.85 -9.05
N VAL A 223 11.08 -25.72 -8.51
CA VAL A 223 10.71 -25.25 -7.18
C VAL A 223 10.49 -23.74 -7.31
N ARG A 224 9.36 -23.27 -6.79
CA ARG A 224 9.01 -21.86 -6.85
C ARG A 224 9.18 -21.18 -5.49
N THR A 225 10.30 -20.47 -5.32
CA THR A 225 10.58 -19.79 -4.07
C THR A 225 10.52 -18.27 -4.17
N GLY A 226 9.64 -17.67 -3.35
CA GLY A 226 9.49 -16.23 -3.33
C GLY A 226 10.06 -15.55 -2.10
N LEU A 227 9.34 -15.63 -0.98
CA LEU A 227 9.77 -14.96 0.24
C LEU A 227 11.17 -15.25 0.74
N ALA A 228 11.55 -16.53 0.83
CA ALA A 228 12.87 -16.88 1.34
C ALA A 228 14.00 -16.20 0.60
N VAL A 229 13.77 -15.84 -0.66
CA VAL A 229 14.79 -15.18 -1.46
C VAL A 229 15.15 -13.80 -0.94
N TYR A 230 14.21 -13.15 -0.27
CA TYR A 230 14.44 -11.82 0.26
C TYR A 230 14.85 -11.81 1.72
N GLY A 231 15.23 -12.97 2.23
CA GLY A 231 15.70 -13.05 3.61
C GLY A 231 14.67 -13.16 4.71
N VAL A 232 13.39 -13.14 4.36
CA VAL A 232 12.36 -13.25 5.39
C VAL A 232 11.90 -14.71 5.47
N SER A 233 11.66 -15.21 6.68
CA SER A 233 11.21 -16.58 6.87
C SER A 233 9.69 -16.69 6.83
N PRO A 234 9.16 -17.62 6.01
CA PRO A 234 7.72 -17.86 5.84
C PRO A 234 6.94 -17.89 7.14
N SER A 235 7.51 -18.51 8.16
CA SER A 235 6.83 -18.58 9.44
C SER A 235 7.77 -18.84 10.61
N PRO A 236 7.45 -18.27 11.77
CA PRO A 236 8.28 -18.47 12.95
C PRO A 236 8.36 -19.96 13.24
N GLU A 237 7.27 -20.66 12.93
CA GLU A 237 7.17 -22.10 13.14
C GLU A 237 8.15 -22.89 12.29
N LEU A 238 9.07 -22.19 11.62
CA LEU A 238 10.07 -22.83 10.78
C LEU A 238 11.44 -22.30 11.19
N GLY A 239 11.43 -21.20 11.94
CA GLY A 239 12.66 -20.61 12.40
C GLY A 239 12.80 -19.18 11.93
N THR A 240 13.92 -18.56 12.29
CA THR A 240 14.20 -17.19 11.92
C THR A 240 15.08 -17.21 10.68
N PRO A 241 15.12 -16.09 9.93
CA PRO A 241 15.97 -16.08 8.74
C PRO A 241 17.36 -16.57 9.12
N ALA A 242 17.77 -16.25 10.35
CA ALA A 242 19.08 -16.63 10.87
C ALA A 242 19.32 -18.14 10.93
N GLN A 243 18.36 -18.87 11.49
CA GLN A 243 18.47 -20.32 11.60
C GLN A 243 18.36 -20.92 10.21
N LEU A 244 17.35 -20.50 9.46
CA LEU A 244 17.16 -21.02 8.11
C LEU A 244 18.35 -20.63 7.24
N GLY A 245 19.25 -19.81 7.79
CA GLY A 245 20.42 -19.39 7.04
C GLY A 245 20.10 -18.42 5.93
N LEU A 246 19.27 -17.42 6.25
CA LEU A 246 18.84 -16.40 5.29
C LEU A 246 19.23 -15.00 5.79
N ARG A 247 19.48 -14.08 4.86
CA ARG A 247 19.87 -12.70 5.18
C ARG A 247 18.81 -11.70 4.73
N PRO A 248 18.22 -10.93 5.68
CA PRO A 248 17.20 -9.93 5.32
C PRO A 248 17.75 -8.91 4.33
N ALA A 249 16.95 -8.56 3.32
CA ALA A 249 17.36 -7.62 2.28
C ALA A 249 16.84 -6.18 2.40
N MET A 250 15.76 -5.97 3.13
CA MET A 250 15.20 -4.63 3.29
C MET A 250 15.49 -3.98 4.64
N THR A 251 15.73 -2.66 4.62
CA THR A 251 15.98 -1.88 5.82
C THR A 251 15.27 -0.53 5.67
N LEU A 252 14.23 -0.33 6.46
CA LEU A 252 13.43 0.89 6.42
C LEU A 252 13.84 1.91 7.48
N ARG A 253 14.41 3.04 7.03
CA ARG A 253 14.87 4.10 7.94
C ARG A 253 14.18 5.44 7.69
N ALA A 254 13.96 6.20 8.76
CA ALA A 254 13.32 7.50 8.67
C ALA A 254 14.09 8.52 9.53
N SER A 255 13.87 9.81 9.28
CA SER A 255 14.54 10.85 10.06
C SER A 255 13.53 11.62 10.89
N LEU A 256 13.81 11.76 12.19
CA LEU A 256 12.92 12.48 13.10
C LEU A 256 12.71 13.89 12.58
N ALA A 257 11.49 14.39 12.71
CA ALA A 257 11.17 15.73 12.24
C ALA A 257 11.17 16.69 13.42
N LEU A 258 10.76 16.18 14.58
CA LEU A 258 10.71 16.99 15.79
C LEU A 258 10.98 16.16 17.03
N VAL A 259 11.44 16.85 18.06
CA VAL A 259 11.70 16.24 19.35
C VAL A 259 11.40 17.41 20.27
N LYS A 260 10.47 17.21 21.20
CA LYS A 260 10.10 18.26 22.13
C LYS A 260 9.72 17.69 23.47
N THR A 261 9.52 18.56 24.45
CA THR A 261 9.14 18.13 25.78
C THR A 261 7.69 18.49 26.02
N VAL A 262 6.95 17.59 26.65
CA VAL A 262 5.56 17.85 26.94
C VAL A 262 5.31 17.54 28.41
N PRO A 263 4.36 18.27 29.03
CA PRO A 263 4.03 18.06 30.44
C PRO A 263 3.37 16.71 30.70
N ALA A 264 3.28 16.36 31.97
CA ALA A 264 2.66 15.11 32.37
C ALA A 264 1.17 15.17 32.05
N GLY A 265 0.60 14.03 31.67
CA GLY A 265 -0.82 13.98 31.37
C GLY A 265 -1.26 14.57 30.05
N HIS A 266 -0.33 14.78 29.12
CA HIS A 266 -0.66 15.32 27.81
C HIS A 266 -1.07 14.18 26.88
N GLY A 267 -2.04 14.45 25.99
CA GLY A 267 -2.50 13.45 25.05
C GLY A 267 -1.65 13.41 23.79
N VAL A 268 -1.47 12.22 23.24
CA VAL A 268 -0.65 12.03 22.05
C VAL A 268 -1.44 11.42 20.88
N SER A 269 -1.53 12.17 19.78
CA SER A 269 -2.23 11.76 18.54
C SER A 269 -3.77 11.72 18.62
N TYR A 270 -4.38 11.30 17.52
CA TYR A 270 -5.85 11.21 17.37
C TYR A 270 -6.50 10.28 18.39
N GLY A 271 -7.69 10.66 18.86
CA GLY A 271 -8.39 9.86 19.82
C GLY A 271 -7.75 9.95 21.20
N HIS A 272 -6.51 10.45 21.23
CA HIS A 272 -5.75 10.60 22.47
C HIS A 272 -5.59 9.26 23.17
N HIS A 273 -5.25 8.23 22.40
CA HIS A 273 -5.08 6.88 22.94
C HIS A 273 -3.85 6.67 23.81
N TYR A 274 -2.97 7.67 23.84
CA TYR A 274 -1.77 7.59 24.66
C TYR A 274 -1.58 8.89 25.42
N VAL A 275 -1.40 8.77 26.73
CA VAL A 275 -1.19 9.93 27.58
C VAL A 275 0.14 9.76 28.30
N THR A 276 0.91 10.84 28.36
CA THR A 276 2.22 10.80 29.01
C THR A 276 2.01 10.69 30.52
N GLU A 277 2.60 9.66 31.13
CA GLU A 277 2.48 9.43 32.56
C GLU A 277 3.21 10.50 33.38
N SER A 278 4.00 11.31 32.68
CA SER A 278 4.76 12.38 33.33
C SER A 278 5.34 13.32 32.28
N GLU A 279 6.21 14.22 32.72
CA GLU A 279 6.86 15.15 31.79
C GLU A 279 7.89 14.33 31.02
N THR A 280 7.91 14.43 29.70
CA THR A 280 8.87 13.65 28.92
C THR A 280 9.17 14.21 27.53
N HIS A 281 10.03 13.50 26.81
CA HIS A 281 10.42 13.88 25.45
C HIS A 281 9.68 13.02 24.42
N LEU A 282 9.06 13.68 23.45
CA LEU A 282 8.34 12.98 22.40
C LEU A 282 9.08 13.24 21.10
N ALA A 283 9.12 12.23 20.23
CA ALA A 283 9.78 12.37 18.94
C ALA A 283 8.82 12.00 17.81
N LEU A 284 8.80 12.82 16.78
CA LEU A 284 7.91 12.60 15.64
C LEU A 284 8.60 11.89 14.47
N VAL A 285 8.18 10.66 14.21
CA VAL A 285 8.71 9.89 13.08
C VAL A 285 7.82 10.25 11.88
N PRO A 286 8.42 10.78 10.81
CA PRO A 286 7.68 11.19 9.60
C PRO A 286 7.34 10.07 8.60
N ALA A 287 6.55 9.10 9.04
CA ALA A 287 6.12 7.99 8.19
C ALA A 287 4.87 7.37 8.78
N GLY A 288 3.84 7.22 7.96
CA GLY A 288 2.59 6.65 8.43
C GLY A 288 2.08 5.51 7.54
N TYR A 289 0.79 5.19 7.65
CA TYR A 289 0.21 4.09 6.89
C TYR A 289 0.14 4.26 5.37
N ALA A 290 0.46 5.45 4.89
CA ALA A 290 0.44 5.72 3.47
C ALA A 290 1.78 5.28 2.91
N ASP A 291 2.75 5.11 3.80
CA ASP A 291 4.07 4.68 3.38
C ASP A 291 4.21 3.19 3.59
N GLY A 292 3.21 2.58 4.20
CA GLY A 292 3.25 1.14 4.43
C GLY A 292 3.23 0.70 5.87
N ILE A 293 3.18 1.64 6.81
CA ILE A 293 3.16 1.28 8.23
C ILE A 293 1.74 0.92 8.63
N PRO A 294 1.53 -0.34 9.04
CA PRO A 294 0.20 -0.78 9.44
C PRO A 294 -0.39 0.06 10.57
N ARG A 295 -1.56 0.63 10.31
CA ARG A 295 -2.25 1.43 11.31
C ARG A 295 -2.56 0.54 12.49
N ASN A 296 -2.76 -0.74 12.19
CA ASN A 296 -3.11 -1.75 13.17
C ASN A 296 -2.02 -2.05 14.16
N ALA A 297 -0.81 -1.57 13.87
CA ALA A 297 0.32 -1.76 14.77
C ALA A 297 0.35 -0.58 15.73
N SER A 298 -0.73 0.21 15.72
CA SER A 298 -0.83 1.37 16.57
C SER A 298 -0.65 1.03 18.05
N GLY A 299 0.47 1.48 18.60
CA GLY A 299 0.73 1.25 20.01
C GLY A 299 1.67 0.10 20.32
N ARG A 300 2.03 -0.68 19.30
CA ARG A 300 2.93 -1.83 19.49
C ARG A 300 4.13 -1.84 18.54
N GLY A 301 3.97 -1.24 17.36
CA GLY A 301 5.05 -1.24 16.39
C GLY A 301 6.39 -0.80 16.97
N PRO A 302 7.42 -1.66 16.89
CA PRO A 302 8.76 -1.36 17.39
C PRO A 302 9.61 -0.52 16.44
N VAL A 303 10.33 0.44 17.00
CA VAL A 303 11.21 1.32 16.23
C VAL A 303 12.51 1.45 16.99
N LEU A 304 13.62 1.63 16.29
CA LEU A 304 14.91 1.80 16.95
C LEU A 304 15.27 3.28 16.91
N VAL A 305 15.14 3.95 18.04
CA VAL A 305 15.46 5.37 18.13
C VAL A 305 16.40 5.64 19.28
N ALA A 306 17.49 6.34 18.99
CA ALA A 306 18.48 6.67 20.01
C ALA A 306 18.84 5.50 20.89
N GLY A 307 19.44 4.48 20.28
CA GLY A 307 19.89 3.30 21.01
C GLY A 307 18.91 2.38 21.74
N LYS A 308 17.60 2.61 21.59
CA LYS A 308 16.63 1.75 22.26
C LYS A 308 15.35 1.56 21.47
N ILE A 309 14.78 0.37 21.56
CA ILE A 309 13.53 0.07 20.86
C ILE A 309 12.39 0.78 21.56
N ARG A 310 11.65 1.61 20.81
CA ARG A 310 10.51 2.32 21.35
C ARG A 310 9.27 1.77 20.68
N ARG A 311 8.13 1.90 21.35
CA ARG A 311 6.87 1.42 20.81
C ARG A 311 6.05 2.60 20.31
N ALA A 312 5.36 2.43 19.17
CA ALA A 312 4.53 3.50 18.62
C ALA A 312 3.64 4.07 19.71
N ALA A 313 3.84 5.33 20.07
CA ALA A 313 3.04 5.96 21.11
C ALA A 313 1.70 6.46 20.58
N GLY A 314 0.65 5.67 20.77
CA GLY A 314 -0.66 6.09 20.31
C GLY A 314 -0.98 5.66 18.89
N ARG A 315 -2.00 6.27 18.32
CA ARG A 315 -2.45 5.97 16.97
C ARG A 315 -1.42 6.34 15.91
N ILE A 316 -1.18 5.45 14.95
CA ILE A 316 -0.25 5.69 13.86
C ILE A 316 -1.10 6.43 12.82
N ALA A 317 -0.54 7.44 12.17
CA ALA A 317 -1.33 8.21 11.20
C ALA A 317 -0.97 7.95 9.74
N MET A 318 -1.57 8.75 8.86
CA MET A 318 -1.33 8.62 7.44
C MET A 318 0.10 8.89 7.07
N ASP A 319 0.67 9.99 7.60
CA ASP A 319 2.05 10.35 7.26
C ASP A 319 3.07 10.26 8.37
N GLN A 320 2.64 10.00 9.59
CA GLN A 320 3.60 9.90 10.67
C GLN A 320 2.99 9.40 11.97
N PHE A 321 3.83 9.28 12.98
CA PHE A 321 3.41 8.83 14.31
C PHE A 321 4.47 9.27 15.32
N VAL A 322 4.11 9.28 16.60
CA VAL A 322 5.07 9.70 17.62
C VAL A 322 5.58 8.54 18.50
N VAL A 323 6.79 8.74 19.01
CA VAL A 323 7.42 7.76 19.87
C VAL A 323 7.78 8.53 21.15
N ASP A 324 7.72 7.84 22.30
CA ASP A 324 8.05 8.48 23.58
C ASP A 324 9.50 8.20 23.97
N LEU A 325 10.36 9.21 23.83
CA LEU A 325 11.77 9.04 24.15
C LEU A 325 12.05 8.92 25.64
N GLY A 326 11.03 9.21 26.45
CA GLY A 326 11.20 9.13 27.90
C GLY A 326 12.21 10.12 28.44
N GLU A 327 13.25 9.58 29.07
CA GLU A 327 14.31 10.41 29.66
C GLU A 327 15.41 10.71 28.65
N ASP A 328 15.55 9.84 27.66
CA ASP A 328 16.58 10.01 26.63
C ASP A 328 16.39 11.26 25.78
N LEU A 329 17.44 11.62 25.04
CA LEU A 329 17.41 12.81 24.19
C LEU A 329 17.77 12.47 22.75
N ALA A 330 17.27 13.27 21.82
CA ALA A 330 17.53 13.10 20.39
C ALA A 330 17.15 14.41 19.70
N GLU A 331 17.32 14.47 18.38
CA GLU A 331 16.96 15.69 17.65
C GLU A 331 16.57 15.45 16.19
N ALA A 332 15.93 16.46 15.60
CA ALA A 332 15.49 16.39 14.22
C ALA A 332 16.67 16.04 13.33
N GLY A 333 16.48 15.05 12.46
CA GLY A 333 17.56 14.62 11.59
C GLY A 333 18.16 13.30 12.05
N ASP A 334 18.00 12.97 13.31
CA ASP A 334 18.52 11.72 13.81
C ASP A 334 17.69 10.61 13.16
N GLU A 335 18.35 9.54 12.75
CA GLU A 335 17.65 8.44 12.08
C GLU A 335 17.04 7.39 13.01
N ALA A 336 15.87 6.93 12.62
CA ALA A 336 15.15 5.91 13.37
C ALA A 336 15.00 4.72 12.41
N VAL A 337 15.24 3.50 12.91
CA VAL A 337 15.09 2.31 12.06
C VAL A 337 13.78 1.62 12.40
N ILE A 338 12.86 1.56 11.43
CA ILE A 338 11.56 0.94 11.62
C ILE A 338 11.71 -0.57 11.57
N LEU A 339 12.29 -1.05 10.48
CA LEU A 339 12.50 -2.47 10.33
C LEU A 339 13.80 -2.73 9.58
N GLY A 340 14.50 -3.78 9.97
CA GLY A 340 15.77 -4.12 9.34
C GLY A 340 16.28 -5.49 9.78
N ASP A 341 17.55 -5.56 10.16
CA ASP A 341 18.16 -6.84 10.55
C ASP A 341 18.29 -7.06 12.05
N ALA A 342 17.65 -8.11 12.55
CA ALA A 342 17.67 -8.45 13.97
C ALA A 342 19.10 -8.69 14.44
N GLU A 343 19.92 -9.22 13.55
CA GLU A 343 21.32 -9.49 13.86
C GLU A 343 22.04 -8.18 14.20
N ARG A 344 21.47 -7.06 13.74
CA ARG A 344 22.04 -5.75 14.00
C ARG A 344 21.24 -5.07 15.11
N GLY A 345 20.47 -5.89 15.83
CA GLY A 345 19.67 -5.38 16.93
C GLY A 345 18.57 -4.43 16.48
N GLU A 346 18.04 -4.65 15.28
CA GLU A 346 16.98 -3.79 14.76
C GLU A 346 15.66 -4.55 14.72
N PRO A 347 14.54 -3.83 14.70
CA PRO A 347 13.25 -4.53 14.64
C PRO A 347 13.18 -5.25 13.27
N THR A 348 12.43 -6.34 13.17
CA THR A 348 12.34 -7.08 11.92
C THR A 348 10.93 -7.14 11.34
N ALA A 349 10.78 -7.66 10.11
CA ALA A 349 9.47 -7.77 9.45
C ALA A 349 8.51 -8.68 10.21
N GLU A 350 9.07 -9.66 10.91
CA GLU A 350 8.29 -10.59 11.70
C GLU A 350 7.82 -9.81 12.92
N ASP A 351 8.74 -9.05 13.52
CA ASP A 351 8.41 -8.23 14.69
C ASP A 351 7.18 -7.38 14.38
N TRP A 352 7.17 -6.76 13.21
CA TRP A 352 6.06 -5.93 12.78
C TRP A 352 4.88 -6.81 12.39
N ALA A 353 5.18 -7.98 11.83
CA ALA A 353 4.12 -8.90 11.42
C ALA A 353 3.28 -9.21 12.65
N GLN A 354 3.95 -9.46 13.77
CA GLN A 354 3.27 -9.79 15.02
C GLN A 354 2.54 -8.57 15.59
N ALA A 355 3.25 -7.45 15.67
CA ALA A 355 2.67 -6.23 16.20
C ALA A 355 1.37 -5.82 15.50
N ALA A 356 1.31 -6.01 14.19
CA ALA A 356 0.12 -5.64 13.44
C ALA A 356 -0.84 -6.80 13.24
N HIS A 357 -0.55 -7.93 13.87
CA HIS A 357 -1.40 -9.11 13.77
C HIS A 357 -1.54 -9.56 12.33
N THR A 358 -0.42 -9.86 11.69
CA THR A 358 -0.46 -10.32 10.31
C THR A 358 0.74 -11.23 10.03
N ILE A 359 1.11 -11.36 8.76
CA ILE A 359 2.24 -12.21 8.39
C ILE A 359 3.25 -11.34 7.66
N ALA A 360 4.53 -11.70 7.81
CA ALA A 360 5.63 -10.95 7.21
C ALA A 360 5.40 -10.63 5.74
N TYR A 361 4.86 -11.58 5.00
CA TYR A 361 4.57 -11.40 3.58
C TYR A 361 3.96 -10.02 3.29
N GLU A 362 2.92 -9.67 4.06
CA GLU A 362 2.21 -8.39 3.89
C GLU A 362 2.95 -7.14 4.33
N ILE A 363 3.85 -7.26 5.31
CA ILE A 363 4.60 -6.10 5.78
C ILE A 363 5.54 -5.55 4.69
N VAL A 364 6.44 -6.39 4.20
CA VAL A 364 7.40 -5.96 3.17
C VAL A 364 6.76 -5.70 1.82
N THR A 365 5.65 -6.38 1.56
CA THR A 365 4.99 -6.23 0.28
C THR A 365 4.24 -4.91 0.14
N ARG A 366 3.66 -4.41 1.22
CA ARG A 366 2.90 -3.17 1.16
C ARG A 366 3.68 -1.90 1.48
N ILE A 367 5.00 -1.94 1.37
CA ILE A 367 5.83 -0.75 1.61
C ILE A 367 5.54 0.24 0.47
N GLY A 368 5.00 1.40 0.83
CA GLY A 368 4.63 2.42 -0.14
C GLY A 368 5.52 2.82 -1.30
N GLY A 369 4.91 3.35 -2.34
CA GLY A 369 5.64 3.79 -3.52
C GLY A 369 6.17 5.20 -3.32
N ARG A 370 5.60 5.88 -2.33
CA ARG A 370 6.02 7.23 -1.98
C ARG A 370 7.38 7.09 -1.28
N VAL A 371 7.72 5.85 -0.97
CA VAL A 371 8.96 5.54 -0.29
C VAL A 371 10.04 5.11 -1.29
N PRO A 372 11.11 5.89 -1.43
CA PRO A 372 12.19 5.57 -2.35
C PRO A 372 12.97 4.32 -1.97
N ARG A 373 13.62 3.69 -2.94
CA ARG A 373 14.42 2.51 -2.69
C ARG A 373 15.87 2.81 -3.04
N VAL A 374 16.80 2.32 -2.23
CA VAL A 374 18.23 2.56 -2.45
C VAL A 374 18.92 1.20 -2.46
N TYR A 375 19.63 0.89 -3.54
CA TYR A 375 20.29 -0.41 -3.69
C TYR A 375 21.77 -0.44 -3.38
N LEU A 376 22.19 -1.55 -2.80
CA LEU A 376 23.59 -1.75 -2.46
C LEU A 376 24.02 -3.10 -3.01
N GLY A 377 25.33 -3.32 -3.04
CA GLY A 377 25.85 -4.59 -3.53
C GLY A 377 25.34 -4.96 -4.91
N GLY A 378 25.45 -6.25 -5.23
CA GLY A 378 25.02 -6.73 -6.53
C GLY A 378 25.95 -6.12 -7.55
N LEU A 379 25.56 -6.16 -8.81
CA LEU A 379 26.37 -5.60 -9.88
C LEU A 379 25.84 -4.21 -10.20
N GLU A 380 26.75 -3.28 -10.51
CA GLU A 380 26.36 -1.92 -10.82
C GLU A 380 25.13 -1.81 -11.71
N HIS A 381 25.15 -2.49 -12.86
CA HIS A 381 24.04 -2.43 -13.80
C HIS A 381 22.71 -3.02 -13.29
N HIS A 382 22.76 -3.71 -12.16
CA HIS A 382 21.55 -4.32 -11.60
C HIS A 382 20.58 -3.27 -11.09
N HIS A 383 21.07 -2.09 -10.70
CA HIS A 383 20.17 -1.05 -10.20
C HIS A 383 19.94 0.13 -11.15
N HIS A 384 19.80 -0.14 -12.44
CA HIS A 384 19.57 0.95 -13.39
C HIS A 384 18.10 1.15 -13.73
N HIS A 385 17.31 0.09 -13.59
CA HIS A 385 15.88 0.15 -13.88
C HIS A 385 15.03 -0.11 -12.63
N PRO B 5 -7.94 -1.87 -18.79
CA PRO B 5 -7.68 -2.88 -17.74
C PRO B 5 -8.70 -4.00 -17.80
N THR B 6 -8.27 -5.20 -17.43
CA THR B 6 -9.15 -6.36 -17.45
C THR B 6 -9.18 -7.07 -16.10
N ARG B 7 -8.12 -6.89 -15.31
CA ARG B 7 -8.03 -7.55 -14.02
C ARG B 7 -8.61 -6.73 -12.87
N VAL B 8 -8.06 -5.53 -12.67
CA VAL B 8 -8.49 -4.65 -11.59
C VAL B 8 -8.03 -3.22 -11.88
N TYR B 9 -8.93 -2.26 -11.67
CA TYR B 9 -8.61 -0.86 -11.91
C TYR B 9 -9.51 0.05 -11.08
N ALA B 10 -9.08 1.28 -10.88
CA ALA B 10 -9.82 2.26 -10.10
C ALA B 10 -10.41 3.36 -10.97
N GLU B 11 -11.73 3.54 -10.87
CA GLU B 11 -12.45 4.54 -11.63
C GLU B 11 -12.72 5.81 -10.83
N ILE B 12 -12.04 6.88 -11.18
CA ILE B 12 -12.18 8.16 -10.47
C ILE B 12 -13.09 9.15 -11.18
N ASP B 13 -14.17 9.54 -10.50
CA ASP B 13 -15.12 10.50 -11.07
C ASP B 13 -14.78 11.92 -10.60
N LEU B 14 -14.30 12.74 -11.52
CA LEU B 14 -13.89 14.12 -11.23
C LEU B 14 -15.07 15.09 -11.06
N ASP B 15 -16.27 14.67 -11.44
CA ASP B 15 -17.45 15.52 -11.29
C ASP B 15 -17.91 15.39 -9.84
N ALA B 16 -17.73 14.22 -9.27
CA ALA B 16 -18.10 14.00 -7.88
C ALA B 16 -17.21 14.92 -7.05
N VAL B 17 -15.92 14.93 -7.39
CA VAL B 17 -14.94 15.76 -6.69
C VAL B 17 -15.29 17.25 -6.69
N ARG B 18 -15.55 17.80 -7.87
CA ARG B 18 -15.89 19.22 -8.02
C ARG B 18 -17.14 19.61 -7.23
N ALA B 19 -18.17 18.77 -7.30
CA ALA B 19 -19.42 19.02 -6.61
C ALA B 19 -19.24 19.02 -5.11
N ASN B 20 -18.32 18.19 -4.62
CA ASN B 20 -18.05 18.10 -3.19
C ASN B 20 -17.49 19.39 -2.62
N VAL B 21 -16.49 19.96 -3.30
CA VAL B 21 -15.90 21.19 -2.81
C VAL B 21 -16.87 22.36 -2.95
N ARG B 22 -17.86 22.22 -3.82
CA ARG B 22 -18.83 23.29 -3.99
C ARG B 22 -19.82 23.17 -2.84
N ALA B 23 -20.00 21.95 -2.35
CA ALA B 23 -20.90 21.69 -1.24
C ALA B 23 -20.22 22.18 0.03
N LEU B 24 -18.94 21.83 0.16
CA LEU B 24 -18.15 22.23 1.32
C LEU B 24 -17.94 23.74 1.36
N ARG B 25 -17.96 24.39 0.20
CA ARG B 25 -17.77 25.82 0.15
C ARG B 25 -18.98 26.51 0.78
N ALA B 26 -20.17 25.96 0.53
CA ALA B 26 -21.40 26.52 1.08
C ALA B 26 -21.46 26.33 2.59
N ARG B 27 -20.94 25.20 3.06
CA ARG B 27 -20.95 24.90 4.48
C ARG B 27 -20.18 25.93 5.33
N ALA B 28 -19.19 26.59 4.72
CA ALA B 28 -18.39 27.62 5.41
C ALA B 28 -18.36 28.87 4.54
N PRO B 29 -19.49 29.61 4.49
CA PRO B 29 -19.69 30.83 3.71
C PRO B 29 -18.67 31.96 3.85
N ARG B 30 -18.23 32.24 5.06
CA ARG B 30 -17.28 33.32 5.27
C ARG B 30 -15.82 32.90 5.30
N SER B 31 -15.55 31.63 5.03
CA SER B 31 -14.17 31.16 5.07
C SER B 31 -13.62 30.81 3.69
N ALA B 32 -12.31 30.60 3.63
CA ALA B 32 -11.61 30.22 2.41
C ALA B 32 -11.40 28.71 2.47
N LEU B 33 -11.35 28.06 1.30
CA LEU B 33 -11.19 26.61 1.23
C LEU B 33 -9.79 26.12 0.88
N MET B 34 -9.37 25.08 1.57
CA MET B 34 -8.08 24.46 1.31
C MET B 34 -8.30 22.98 1.03
N ALA B 35 -8.24 22.61 -0.25
CA ALA B 35 -8.40 21.21 -0.63
C ALA B 35 -7.07 20.50 -0.34
N VAL B 36 -7.09 19.54 0.57
CA VAL B 36 -5.88 18.80 0.90
C VAL B 36 -5.76 17.62 -0.05
N VAL B 37 -4.71 17.63 -0.85
CA VAL B 37 -4.47 16.57 -1.83
C VAL B 37 -3.19 15.82 -1.53
N LYS B 38 -3.00 15.45 -0.27
CA LYS B 38 -1.78 14.74 0.12
C LYS B 38 -1.95 13.22 0.02
N SER B 39 -0.83 12.54 -0.16
CA SER B 39 -0.82 11.09 -0.30
C SER B 39 -1.56 10.75 -1.59
N ASN B 40 -1.05 11.28 -2.71
CA ASN B 40 -1.63 11.04 -4.03
C ASN B 40 -3.14 11.28 -3.97
N ALA B 41 -3.54 12.30 -3.22
CA ALA B 41 -4.94 12.61 -3.04
C ALA B 41 -5.65 11.40 -2.46
N TYR B 42 -5.15 10.93 -1.32
CA TYR B 42 -5.74 9.78 -0.66
C TYR B 42 -5.99 8.63 -1.64
N GLY B 43 -5.14 8.54 -2.67
CA GLY B 43 -5.26 7.48 -3.65
C GLY B 43 -6.09 7.69 -4.90
N HIS B 44 -6.49 8.92 -5.18
CA HIS B 44 -7.30 9.21 -6.36
C HIS B 44 -6.51 9.87 -7.49
N GLY B 45 -5.30 10.32 -7.19
CA GLY B 45 -4.50 10.98 -8.21
C GLY B 45 -4.28 12.43 -7.85
N ALA B 46 -3.10 12.74 -7.34
CA ALA B 46 -2.77 14.10 -6.92
C ALA B 46 -3.15 15.24 -7.89
N VAL B 47 -2.49 15.33 -9.05
CA VAL B 47 -2.75 16.41 -10.00
C VAL B 47 -4.19 16.51 -10.57
N PRO B 48 -4.76 15.40 -11.05
CA PRO B 48 -6.13 15.50 -11.58
C PRO B 48 -7.11 16.10 -10.58
N CYS B 49 -7.03 15.63 -9.34
CA CYS B 49 -7.92 16.11 -8.28
C CYS B 49 -7.55 17.54 -7.83
N ALA B 50 -6.28 17.89 -7.95
CA ALA B 50 -5.81 19.23 -7.59
C ALA B 50 -6.39 20.27 -8.56
N ARG B 51 -6.42 19.94 -9.84
CA ARG B 51 -6.99 20.84 -10.86
C ARG B 51 -8.49 20.92 -10.74
N ALA B 52 -9.15 19.76 -10.58
CA ALA B 52 -10.60 19.74 -10.44
C ALA B 52 -11.05 20.59 -9.25
N ALA B 53 -10.49 20.29 -8.08
CA ALA B 53 -10.80 21.03 -6.85
C ALA B 53 -10.64 22.54 -7.06
N GLN B 54 -9.44 22.95 -7.44
CA GLN B 54 -9.18 24.36 -7.69
C GLN B 54 -10.22 24.97 -8.63
N GLU B 55 -10.54 24.25 -9.69
CA GLU B 55 -11.52 24.74 -10.66
C GLU B 55 -12.87 24.98 -9.96
N ALA B 56 -13.26 24.06 -9.09
CA ALA B 56 -14.53 24.14 -8.37
C ALA B 56 -14.58 25.24 -7.30
N GLY B 57 -13.48 25.96 -7.10
CA GLY B 57 -13.49 27.03 -6.12
C GLY B 57 -12.48 26.97 -5.00
N ALA B 58 -11.52 26.05 -5.08
CA ALA B 58 -10.49 25.93 -4.04
C ALA B 58 -9.49 27.07 -4.12
N ALA B 59 -9.37 27.83 -3.02
CA ALA B 59 -8.45 28.95 -2.96
C ALA B 59 -7.04 28.53 -2.59
N TRP B 60 -6.93 27.49 -1.77
CA TRP B 60 -5.62 26.97 -1.35
C TRP B 60 -5.47 25.47 -1.65
N LEU B 61 -4.23 24.99 -1.60
CA LEU B 61 -3.93 23.59 -1.85
C LEU B 61 -2.90 23.18 -0.80
N GLY B 62 -3.15 22.08 -0.11
CA GLY B 62 -2.23 21.63 0.92
C GLY B 62 -1.80 20.19 0.75
N THR B 63 -0.54 19.93 1.09
CA THR B 63 0.03 18.59 1.02
C THR B 63 0.89 18.39 2.26
N ALA B 64 1.51 17.23 2.39
CA ALA B 64 2.35 16.98 3.56
C ALA B 64 3.82 17.19 3.27
N THR B 65 4.36 16.39 2.35
CA THR B 65 5.77 16.47 1.98
C THR B 65 6.06 17.54 0.94
N PRO B 66 7.29 18.08 0.96
CA PRO B 66 7.70 19.12 0.00
C PRO B 66 7.63 18.57 -1.42
N GLU B 67 8.07 17.33 -1.57
CA GLU B 67 8.05 16.66 -2.87
C GLU B 67 6.65 16.70 -3.50
N GLU B 68 5.64 16.36 -2.70
CA GLU B 68 4.26 16.34 -3.15
C GLU B 68 3.79 17.68 -3.72
N ALA B 69 4.13 18.77 -3.02
CA ALA B 69 3.73 20.10 -3.45
C ALA B 69 4.56 20.57 -4.65
N LEU B 70 5.83 20.21 -4.67
CA LEU B 70 6.69 20.60 -5.79
C LEU B 70 6.10 19.99 -7.05
N GLU B 71 5.78 18.70 -6.98
CA GLU B 71 5.22 17.99 -8.11
C GLU B 71 3.92 18.66 -8.58
N LEU B 72 3.24 19.35 -7.67
CA LEU B 72 2.00 20.05 -8.00
C LEU B 72 2.28 21.27 -8.86
N ARG B 73 3.38 21.95 -8.56
CA ARG B 73 3.75 23.14 -9.31
C ARG B 73 4.35 22.69 -10.63
N ALA B 74 5.09 21.58 -10.58
CA ALA B 74 5.74 21.01 -11.75
C ALA B 74 4.70 20.84 -12.86
N ALA B 75 3.47 20.53 -12.46
CA ALA B 75 2.37 20.32 -13.39
C ALA B 75 1.61 21.61 -13.66
N GLY B 76 2.29 22.74 -13.48
CA GLY B 76 1.70 24.04 -13.75
C GLY B 76 0.47 24.50 -12.97
N ILE B 77 0.32 24.06 -11.73
CA ILE B 77 -0.84 24.49 -10.95
C ILE B 77 -0.49 25.78 -10.22
N GLN B 78 -1.28 26.83 -10.43
CA GLN B 78 -1.01 28.10 -9.79
C GLN B 78 -1.74 28.21 -8.46
N GLY B 79 -1.82 29.42 -7.93
CA GLY B 79 -2.51 29.62 -6.65
C GLY B 79 -1.71 29.30 -5.40
N ARG B 80 -2.28 29.63 -4.25
CA ARG B 80 -1.64 29.39 -2.97
C ARG B 80 -1.52 27.90 -2.67
N ILE B 81 -0.33 27.46 -2.28
CA ILE B 81 -0.09 26.07 -1.93
C ILE B 81 0.73 26.03 -0.65
N MET B 82 0.53 25.01 0.17
CA MET B 82 1.27 24.91 1.42
C MET B 82 1.58 23.46 1.83
N CYS B 83 2.74 23.25 2.46
CA CYS B 83 3.10 21.93 2.97
C CYS B 83 3.54 22.13 4.41
N TRP B 84 3.57 21.06 5.20
CA TRP B 84 3.90 21.19 6.61
C TRP B 84 4.82 20.14 7.21
N LEU B 85 5.09 19.06 6.48
CA LEU B 85 5.96 18.00 7.00
C LEU B 85 7.40 18.11 6.49
N TRP B 86 8.21 18.85 7.23
CA TRP B 86 9.60 19.04 6.86
C TRP B 86 10.53 18.28 7.78
N THR B 87 11.71 18.00 7.27
CA THR B 87 12.74 17.30 8.01
C THR B 87 14.04 18.05 7.74
N PRO B 88 14.98 18.02 8.68
CA PRO B 88 16.26 18.72 8.45
C PRO B 88 16.82 18.38 7.06
N GLY B 89 17.24 19.39 6.33
CA GLY B 89 17.81 19.16 5.01
C GLY B 89 16.83 19.15 3.84
N GLY B 90 15.56 19.40 4.13
CA GLY B 90 14.56 19.41 3.07
C GLY B 90 14.86 20.45 2.01
N PRO B 91 14.13 20.45 0.88
CA PRO B 91 14.37 21.42 -0.19
C PRO B 91 13.74 22.80 0.08
N TRP B 92 14.18 23.44 1.16
CA TRP B 92 13.66 24.76 1.54
C TRP B 92 13.78 25.79 0.42
N ARG B 93 14.96 25.87 -0.19
CA ARG B 93 15.18 26.82 -1.27
C ARG B 93 14.23 26.63 -2.43
N GLU B 94 14.10 25.39 -2.91
CA GLU B 94 13.21 25.08 -4.03
C GLU B 94 11.79 25.53 -3.72
N ALA B 95 11.30 25.18 -2.54
CA ALA B 95 9.95 25.56 -2.12
C ALA B 95 9.76 27.07 -2.09
N ILE B 96 10.77 27.77 -1.59
CA ILE B 96 10.70 29.22 -1.50
C ILE B 96 10.62 29.88 -2.87
N GLU B 97 11.39 29.34 -3.82
CA GLU B 97 11.41 29.88 -5.18
C GLU B 97 10.08 29.69 -5.91
N THR B 98 9.36 28.64 -5.56
CA THR B 98 8.07 28.39 -6.19
C THR B 98 6.96 29.07 -5.44
N ASP B 99 7.30 29.92 -4.49
CA ASP B 99 6.27 30.63 -3.74
C ASP B 99 5.30 29.67 -3.06
N ILE B 100 5.85 28.77 -2.24
CA ILE B 100 5.02 27.84 -1.51
C ILE B 100 5.12 28.17 -0.03
N ASP B 101 3.99 28.19 0.67
CA ASP B 101 4.01 28.50 2.09
C ASP B 101 4.48 27.28 2.86
N VAL B 102 5.67 27.35 3.44
CA VAL B 102 6.18 26.23 4.24
C VAL B 102 5.80 26.53 5.69
N SER B 103 5.66 25.47 6.48
CA SER B 103 5.27 25.63 7.89
C SER B 103 6.44 25.42 8.83
N VAL B 104 6.42 26.11 9.97
CA VAL B 104 7.48 26.01 10.96
C VAL B 104 6.92 25.62 12.34
N SER B 105 7.58 24.69 13.01
CA SER B 105 7.16 24.23 14.33
C SER B 105 8.29 24.35 15.36
N GLY B 106 9.50 24.63 14.87
CA GLY B 106 10.65 24.75 15.76
C GLY B 106 11.69 25.70 15.22
N MET B 107 12.62 26.12 16.08
CA MET B 107 13.67 27.05 15.70
C MET B 107 14.51 26.50 14.54
N TRP B 108 14.81 25.21 14.60
CA TRP B 108 15.61 24.58 13.54
C TRP B 108 14.98 24.80 12.17
N ALA B 109 13.67 24.68 12.10
CA ALA B 109 12.98 24.88 10.84
C ALA B 109 13.11 26.35 10.43
N LEU B 110 12.88 27.24 11.38
CA LEU B 110 12.98 28.68 11.12
C LEU B 110 14.39 29.06 10.66
N ASP B 111 15.41 28.48 11.30
CA ASP B 111 16.79 28.78 10.93
C ASP B 111 17.13 28.26 9.55
N GLU B 112 16.66 27.06 9.23
CA GLU B 112 16.91 26.46 7.93
C GLU B 112 16.27 27.29 6.83
N VAL B 113 15.03 27.73 7.07
CA VAL B 113 14.33 28.52 6.07
C VAL B 113 14.94 29.91 5.88
N ARG B 114 15.32 30.55 6.99
CA ARG B 114 15.91 31.89 6.93
C ARG B 114 17.16 31.92 6.05
N ALA B 115 17.99 30.90 6.20
CA ALA B 115 19.22 30.79 5.44
C ALA B 115 18.89 30.53 3.97
N ALA B 116 17.84 29.75 3.75
CA ALA B 116 17.42 29.41 2.39
C ALA B 116 16.93 30.67 1.67
N ALA B 117 16.18 31.51 2.39
CA ALA B 117 15.65 32.75 1.83
C ALA B 117 16.80 33.64 1.34
N ARG B 118 17.94 33.55 2.01
CA ARG B 118 19.12 34.33 1.66
C ARG B 118 19.70 33.84 0.34
N ALA B 119 20.08 32.57 0.32
CA ALA B 119 20.63 31.94 -0.88
C ALA B 119 19.72 32.20 -2.07
N ALA B 120 18.43 32.17 -1.82
CA ALA B 120 17.40 32.39 -2.83
C ALA B 120 17.18 33.87 -3.14
N GLY B 121 17.69 34.73 -2.27
CA GLY B 121 17.52 36.16 -2.48
C GLY B 121 16.03 36.51 -2.51
N ARG B 122 15.25 35.78 -1.72
CA ARG B 122 13.81 36.00 -1.65
C ARG B 122 13.29 35.78 -0.23
N THR B 123 12.04 36.12 0.00
CA THR B 123 11.42 35.95 1.30
C THR B 123 10.44 34.78 1.37
N ALA B 124 10.67 33.89 2.33
CA ALA B 124 9.82 32.73 2.53
C ALA B 124 8.54 33.09 3.24
N ARG B 125 7.43 32.56 2.75
CA ARG B 125 6.12 32.78 3.35
C ARG B 125 6.00 31.64 4.36
N ILE B 126 5.98 31.96 5.65
CA ILE B 126 5.91 30.93 6.68
C ILE B 126 4.71 31.04 7.61
N GLN B 127 4.21 29.89 8.05
CA GLN B 127 3.08 29.84 8.97
C GLN B 127 3.52 29.14 10.25
N LEU B 128 3.26 29.77 11.38
CA LEU B 128 3.65 29.22 12.67
C LEU B 128 2.59 28.25 13.15
N KCX B 129 3.01 27.04 13.50
CA KCX B 129 2.06 26.04 13.97
CB KCX B 129 2.34 24.68 13.36
CG KCX B 129 1.14 23.75 13.42
CD KCX B 129 1.53 22.28 13.42
CE KCX B 129 0.40 21.43 14.01
NZ KCX B 129 -0.01 20.33 13.10
C KCX B 129 2.04 25.91 15.48
O KCX B 129 3.06 25.62 16.10
CX KCX B 129 0.24 18.91 13.37
OQ1 KCX B 129 0.84 18.55 14.41
OQ2 KCX B 129 -0.14 18.04 12.55
N ALA B 130 0.85 26.09 16.04
CA ALA B 130 0.66 25.97 17.48
C ALA B 130 0.22 24.55 17.84
N ASP B 131 0.89 23.94 18.81
CA ASP B 131 0.51 22.62 19.27
C ASP B 131 -0.45 22.94 20.41
N THR B 132 -1.74 22.80 20.14
CA THR B 132 -2.76 23.10 21.11
C THR B 132 -3.28 21.86 21.84
N GLY B 133 -2.59 20.73 21.70
CA GLY B 133 -3.05 19.54 22.40
C GLY B 133 -2.92 18.20 21.70
N LEU B 134 -2.78 18.20 20.38
CA LEU B 134 -2.65 16.96 19.62
C LEU B 134 -1.36 16.27 20.03
N GLY B 135 -0.37 17.07 20.44
CA GLY B 135 0.90 16.52 20.85
C GLY B 135 1.67 15.85 19.74
N ARG B 136 1.41 16.27 18.51
CA ARG B 136 2.10 15.73 17.35
C ARG B 136 3.20 16.70 16.91
N ASN B 137 2.88 17.58 15.97
CA ASN B 137 3.83 18.57 15.50
C ASN B 137 3.46 19.88 16.18
N GLY B 138 4.03 20.98 15.70
CA GLY B 138 3.71 22.27 16.27
C GLY B 138 4.51 22.65 17.50
N CYS B 139 4.40 23.92 17.88
CA CYS B 139 5.10 24.45 19.04
C CYS B 139 4.27 24.40 20.32
N GLN B 140 4.86 23.86 21.37
CA GLN B 140 4.21 23.75 22.68
C GLN B 140 4.01 25.14 23.29
N PRO B 141 2.92 25.33 24.06
CA PRO B 141 2.66 26.61 24.70
C PRO B 141 3.87 27.18 25.45
N ALA B 142 4.69 26.29 25.98
CA ALA B 142 5.88 26.68 26.74
C ALA B 142 7.02 27.29 25.89
N ASP B 143 6.96 27.14 24.58
CA ASP B 143 8.01 27.67 23.71
C ASP B 143 7.43 28.61 22.65
N TRP B 144 6.18 29.01 22.86
CA TRP B 144 5.47 29.88 21.94
C TRP B 144 6.05 31.30 21.95
N ALA B 145 6.29 31.84 23.14
CA ALA B 145 6.83 33.19 23.23
C ALA B 145 8.16 33.28 22.47
N GLU B 146 9.04 32.35 22.77
CA GLU B 146 10.35 32.31 22.15
C GLU B 146 10.25 32.28 20.62
N LEU B 147 9.58 31.25 20.10
CA LEU B 147 9.43 31.09 18.65
C LEU B 147 8.71 32.28 18.03
N VAL B 148 7.74 32.84 18.75
CA VAL B 148 7.02 34.00 18.26
C VAL B 148 7.99 35.19 18.19
N GLY B 149 8.88 35.27 19.16
CA GLY B 149 9.84 36.36 19.19
C GLY B 149 10.79 36.31 18.03
N ALA B 150 11.15 35.09 17.64
CA ALA B 150 12.09 34.91 16.54
C ALA B 150 11.48 35.22 15.18
N ALA B 151 10.20 34.88 15.02
CA ALA B 151 9.51 35.11 13.75
C ALA B 151 9.46 36.60 13.42
N VAL B 152 8.92 37.38 14.35
CA VAL B 152 8.82 38.83 14.19
C VAL B 152 10.19 39.46 13.96
N ALA B 153 11.23 38.86 14.56
CA ALA B 153 12.59 39.34 14.41
C ALA B 153 13.17 38.95 13.05
N ALA B 154 12.90 37.72 12.62
CA ALA B 154 13.37 37.25 11.32
C ALA B 154 12.56 38.00 10.25
N GLN B 155 11.39 38.46 10.66
CA GLN B 155 10.50 39.20 9.80
C GLN B 155 11.06 40.61 9.59
N ALA B 156 11.54 41.20 10.68
CA ALA B 156 12.12 42.54 10.67
C ALA B 156 13.33 42.54 9.76
N GLU B 157 14.11 41.47 9.86
CA GLU B 157 15.30 41.32 9.03
C GLU B 157 14.92 41.03 7.58
N GLY B 158 13.62 41.16 7.28
CA GLY B 158 13.10 40.94 5.93
C GLY B 158 13.40 39.60 5.29
N THR B 159 13.71 38.60 6.11
CA THR B 159 14.05 37.27 5.59
C THR B 159 12.83 36.35 5.46
N VAL B 160 11.82 36.54 6.31
CA VAL B 160 10.61 35.74 6.28
C VAL B 160 9.39 36.62 6.54
N GLN B 161 8.23 36.13 6.12
CA GLN B 161 6.97 36.85 6.30
C GLN B 161 5.90 35.94 6.86
N VAL B 162 5.59 36.10 8.13
CA VAL B 162 4.58 35.29 8.78
C VAL B 162 3.23 35.47 8.10
N THR B 163 2.79 34.47 7.33
CA THR B 163 1.52 34.55 6.63
C THR B 163 0.33 33.95 7.37
N GLY B 164 0.59 33.08 8.35
CA GLY B 164 -0.52 32.51 9.10
C GLY B 164 -0.17 31.82 10.40
N VAL B 165 -1.20 31.50 11.18
CA VAL B 165 -1.06 30.81 12.46
C VAL B 165 -2.13 29.72 12.46
N TRP B 166 -1.71 28.47 12.63
CA TRP B 166 -2.63 27.34 12.60
C TRP B 166 -2.35 26.22 13.60
N SER B 167 -3.38 25.43 13.86
CA SER B 167 -3.29 24.28 14.75
C SER B 167 -4.08 23.13 14.09
N HIS B 168 -4.23 22.01 14.81
CA HIS B 168 -4.93 20.83 14.27
C HIS B 168 -5.61 20.00 15.39
N PHE B 169 -6.87 19.61 15.17
CA PHE B 169 -7.66 18.84 16.15
C PHE B 169 -7.32 17.34 16.29
N ALA B 170 -7.45 16.81 17.51
CA ALA B 170 -7.17 15.40 17.79
C ALA B 170 -8.40 14.48 17.72
N CYS B 171 -9.53 14.95 18.21
CA CYS B 171 -10.74 14.14 18.19
C CYS B 171 -11.95 14.90 17.65
N ALA B 172 -11.75 15.66 16.57
CA ALA B 172 -12.81 16.46 15.96
C ALA B 172 -13.89 15.61 15.31
N ASP B 173 -13.58 14.35 15.00
CA ASP B 173 -14.55 13.46 14.36
C ASP B 173 -15.46 12.82 15.41
N GLU B 174 -15.12 13.07 16.67
CA GLU B 174 -15.90 12.57 17.81
C GLU B 174 -16.70 13.74 18.36
N PRO B 175 -17.91 13.95 17.84
CA PRO B 175 -18.75 15.07 18.29
C PRO B 175 -18.96 15.12 19.81
N GLY B 176 -18.65 16.28 20.39
CA GLY B 176 -18.82 16.45 21.82
C GLY B 176 -17.57 16.24 22.67
N HIS B 177 -16.54 15.64 22.09
CA HIS B 177 -15.31 15.39 22.83
C HIS B 177 -14.81 16.65 23.52
N PRO B 178 -14.52 16.57 24.83
CA PRO B 178 -14.03 17.72 25.60
C PRO B 178 -12.74 18.31 25.04
N SER B 179 -11.87 17.46 24.52
CA SER B 179 -10.59 17.89 23.95
C SER B 179 -10.76 18.95 22.88
N ILE B 180 -11.95 18.98 22.27
CA ILE B 180 -12.23 19.95 21.21
C ILE B 180 -12.31 21.40 21.66
N ARG B 181 -13.19 21.71 22.62
CA ARG B 181 -13.31 23.09 23.08
C ARG B 181 -12.00 23.56 23.72
N LEU B 182 -11.24 22.60 24.25
CA LEU B 182 -9.96 22.91 24.88
C LEU B 182 -9.07 23.55 23.83
N GLN B 183 -8.62 22.74 22.87
CA GLN B 183 -7.74 23.19 21.80
C GLN B 183 -8.22 24.49 21.16
N LEU B 184 -9.53 24.59 20.92
CA LEU B 184 -10.11 25.77 20.30
C LEU B 184 -9.89 27.01 21.17
N ASP B 185 -9.94 26.83 22.49
CA ASP B 185 -9.74 27.93 23.40
C ASP B 185 -8.26 28.29 23.41
N ALA B 186 -7.43 27.25 23.53
CA ALA B 186 -5.99 27.44 23.56
C ALA B 186 -5.53 28.07 22.24
N PHE B 187 -6.28 27.85 21.18
CA PHE B 187 -5.95 28.40 19.89
C PHE B 187 -6.10 29.92 19.93
N ARG B 188 -7.23 30.38 20.46
CA ARG B 188 -7.51 31.81 20.56
C ARG B 188 -6.49 32.57 21.42
N ASP B 189 -6.14 31.99 22.56
CA ASP B 189 -5.19 32.62 23.47
C ASP B 189 -3.79 32.70 22.89
N MET B 190 -3.41 31.69 22.11
CA MET B 190 -2.09 31.65 21.50
C MET B 190 -2.01 32.65 20.34
N LEU B 191 -3.12 32.78 19.62
CA LEU B 191 -3.21 33.68 18.50
C LEU B 191 -3.09 35.13 19.00
N ALA B 192 -3.81 35.43 20.09
CA ALA B 192 -3.79 36.76 20.66
C ALA B 192 -2.35 37.18 20.95
N TYR B 193 -1.70 36.44 21.83
CA TYR B 193 -0.32 36.72 22.21
C TYR B 193 0.59 36.99 21.02
N ALA B 194 0.48 36.16 19.98
CA ALA B 194 1.30 36.32 18.79
C ALA B 194 0.86 37.56 18.01
N GLU B 195 -0.44 37.82 17.97
CA GLU B 195 -0.98 38.99 17.27
C GLU B 195 -0.57 40.25 18.02
N LYS B 196 -0.13 40.07 19.25
CA LYS B 196 0.28 41.18 20.11
C LYS B 196 1.77 41.44 20.06
N GLU B 197 2.54 40.44 19.68
CA GLU B 197 3.99 40.60 19.60
C GLU B 197 4.44 41.08 18.22
N GLY B 198 3.49 41.58 17.43
CA GLY B 198 3.83 42.09 16.11
C GLY B 198 3.61 41.16 14.93
N VAL B 199 2.51 40.42 14.96
CA VAL B 199 2.20 39.49 13.87
C VAL B 199 0.80 39.73 13.33
N ASP B 200 0.72 39.95 12.02
CA ASP B 200 -0.55 40.18 11.33
C ASP B 200 -0.63 39.09 10.28
N PRO B 201 -1.29 37.96 10.61
CA PRO B 201 -1.42 36.83 9.70
C PRO B 201 -2.38 37.00 8.55
N GLU B 202 -1.99 36.46 7.40
CA GLU B 202 -2.83 36.51 6.22
C GLU B 202 -4.02 35.60 6.52
N VAL B 203 -3.73 34.42 7.07
CA VAL B 203 -4.78 33.44 7.38
C VAL B 203 -4.75 32.80 8.77
N ARG B 204 -5.95 32.54 9.31
CA ARG B 204 -6.14 31.92 10.62
C ARG B 204 -6.89 30.60 10.41
N HIS B 205 -6.29 29.47 10.77
CA HIS B 205 -6.97 28.19 10.55
C HIS B 205 -6.63 27.03 11.51
N ILE B 206 -7.66 26.25 11.85
CA ILE B 206 -7.49 25.10 12.74
C ILE B 206 -8.38 23.89 12.37
N ALA B 207 -9.47 24.13 11.65
CA ALA B 207 -10.41 23.08 11.31
C ALA B 207 -10.06 22.16 10.14
N ASN B 208 -10.52 20.91 10.25
CA ASN B 208 -10.33 19.89 9.21
C ASN B 208 -11.72 19.48 8.67
N SER B 209 -11.81 18.35 7.97
CA SER B 209 -13.10 17.91 7.43
C SER B 209 -14.21 17.75 8.48
N PRO B 210 -13.97 16.98 9.55
CA PRO B 210 -15.00 16.81 10.57
C PRO B 210 -15.30 18.10 11.33
N ALA B 211 -14.26 18.82 11.73
CA ALA B 211 -14.45 20.07 12.45
C ALA B 211 -15.25 21.03 11.57
N THR B 212 -14.90 21.07 10.29
CA THR B 212 -15.58 21.95 9.34
C THR B 212 -17.06 21.63 9.27
N LEU B 213 -17.40 20.36 9.11
CA LEU B 213 -18.80 19.94 9.01
C LEU B 213 -19.58 20.09 10.32
N THR B 214 -18.88 20.29 11.42
CA THR B 214 -19.55 20.41 12.71
C THR B 214 -19.44 21.73 13.50
N LEU B 215 -18.28 22.38 13.51
CA LEU B 215 -18.14 23.61 14.28
C LEU B 215 -17.75 24.87 13.52
N PRO B 216 -18.73 25.80 13.32
CA PRO B 216 -18.52 27.07 12.62
C PRO B 216 -17.60 28.01 13.39
N GLU B 217 -17.63 27.88 14.71
CA GLU B 217 -16.80 28.70 15.57
C GLU B 217 -15.33 28.35 15.34
N THR B 218 -15.09 27.40 14.44
CA THR B 218 -13.74 26.95 14.13
C THR B 218 -13.33 27.22 12.69
N HIS B 219 -14.18 27.93 11.95
CA HIS B 219 -13.87 28.23 10.56
C HIS B 219 -12.80 29.30 10.35
N PHE B 220 -12.87 30.36 11.14
CA PHE B 220 -11.92 31.46 11.04
C PHE B 220 -11.82 31.93 9.59
N ASP B 221 -10.60 32.12 9.09
CA ASP B 221 -10.43 32.57 7.70
C ASP B 221 -10.31 31.43 6.68
N LEU B 222 -9.85 30.27 7.15
CA LEU B 222 -9.63 29.14 6.26
C LEU B 222 -9.97 27.81 6.90
N VAL B 223 -10.30 26.84 6.05
CA VAL B 223 -10.62 25.50 6.50
C VAL B 223 -9.88 24.54 5.60
N ARG B 224 -9.21 23.56 6.20
CA ARG B 224 -8.44 22.57 5.46
C ARG B 224 -9.23 21.26 5.33
N THR B 225 -9.87 21.06 4.17
CA THR B 225 -10.68 19.87 3.92
C THR B 225 -9.98 18.80 3.07
N GLY B 226 -9.94 17.57 3.57
CA GLY B 226 -9.33 16.48 2.84
C GLY B 226 -10.32 15.41 2.41
N LEU B 227 -10.47 14.36 3.23
CA LEU B 227 -11.35 13.23 2.92
C LEU B 227 -12.74 13.57 2.40
N ALA B 228 -13.38 14.60 2.95
CA ALA B 228 -14.71 14.96 2.50
C ALA B 228 -14.71 15.39 1.04
N VAL B 229 -13.53 15.77 0.54
CA VAL B 229 -13.44 16.20 -0.84
C VAL B 229 -13.70 15.02 -1.78
N TYR B 230 -13.45 13.82 -1.25
CA TYR B 230 -13.62 12.60 -2.02
C TYR B 230 -14.93 11.85 -1.75
N GLY B 231 -15.86 12.51 -1.07
CA GLY B 231 -17.15 11.91 -0.79
C GLY B 231 -17.12 10.76 0.18
N VAL B 232 -16.28 10.85 1.20
CA VAL B 232 -16.20 9.80 2.21
C VAL B 232 -16.33 10.53 3.52
N SER B 233 -17.28 10.12 4.34
CA SER B 233 -17.49 10.76 5.63
C SER B 233 -16.39 10.35 6.58
N PRO B 234 -15.82 11.32 7.31
CA PRO B 234 -14.74 11.05 8.28
C PRO B 234 -15.09 9.93 9.27
N SER B 235 -16.32 9.91 9.75
CA SER B 235 -16.73 8.88 10.70
C SER B 235 -18.23 8.62 10.62
N PRO B 236 -18.65 7.42 11.05
CA PRO B 236 -20.08 7.08 11.02
C PRO B 236 -20.89 7.97 11.96
N GLU B 237 -20.25 8.44 13.04
CA GLU B 237 -20.92 9.29 14.02
C GLU B 237 -21.32 10.63 13.43
N LEU B 238 -20.75 10.97 12.29
CA LEU B 238 -21.07 12.23 11.62
C LEU B 238 -22.08 12.01 10.51
N GLY B 239 -22.21 10.78 10.05
CA GLY B 239 -23.16 10.46 9.00
C GLY B 239 -22.54 9.76 7.80
N THR B 240 -23.39 9.40 6.83
CA THR B 240 -22.93 8.74 5.62
C THR B 240 -22.72 9.84 4.60
N PRO B 241 -21.92 9.58 3.55
CA PRO B 241 -21.70 10.64 2.55
C PRO B 241 -23.05 11.16 2.06
N ALA B 242 -24.02 10.27 2.00
CA ALA B 242 -25.38 10.59 1.55
C ALA B 242 -26.04 11.66 2.44
N GLN B 243 -25.96 11.46 3.75
CA GLN B 243 -26.55 12.39 4.72
C GLN B 243 -25.77 13.69 4.74
N LEU B 244 -24.48 13.61 4.44
CA LEU B 244 -23.62 14.79 4.44
C LEU B 244 -23.73 15.56 3.14
N GLY B 245 -24.33 14.94 2.13
CA GLY B 245 -24.46 15.59 0.84
C GLY B 245 -23.21 15.35 0.01
N LEU B 246 -22.31 14.52 0.51
CA LEU B 246 -21.07 14.21 -0.19
C LEU B 246 -21.27 13.02 -1.13
N ARG B 247 -20.55 13.03 -2.24
CA ARG B 247 -20.64 11.96 -3.23
C ARG B 247 -19.29 11.26 -3.45
N PRO B 248 -19.25 9.92 -3.30
CA PRO B 248 -18.04 9.10 -3.47
C PRO B 248 -17.35 9.32 -4.81
N ALA B 249 -16.03 9.43 -4.80
CA ALA B 249 -15.29 9.66 -6.04
C ALA B 249 -14.68 8.42 -6.69
N MET B 250 -14.27 7.44 -5.90
CA MET B 250 -13.65 6.23 -6.45
C MET B 250 -14.52 4.98 -6.44
N THR B 251 -14.43 4.22 -7.53
CA THR B 251 -15.15 2.96 -7.67
C THR B 251 -14.11 1.92 -8.10
N LEU B 252 -13.90 0.90 -7.28
CA LEU B 252 -12.93 -0.15 -7.58
C LEU B 252 -13.62 -1.40 -8.12
N ARG B 253 -13.26 -1.82 -9.33
CA ARG B 253 -13.87 -3.02 -9.93
C ARG B 253 -12.84 -4.01 -10.46
N ALA B 254 -13.27 -5.26 -10.64
CA ALA B 254 -12.42 -6.35 -11.16
C ALA B 254 -13.21 -7.38 -11.98
N SER B 255 -12.48 -8.20 -12.74
CA SER B 255 -13.09 -9.24 -13.56
C SER B 255 -12.75 -10.61 -13.00
N LEU B 256 -13.71 -11.52 -13.01
CA LEU B 256 -13.49 -12.87 -12.49
C LEU B 256 -12.48 -13.59 -13.36
N ALA B 257 -11.61 -14.37 -12.74
CA ALA B 257 -10.59 -15.10 -13.49
C ALA B 257 -10.92 -16.58 -13.62
N LEU B 258 -11.91 -17.05 -12.87
CA LEU B 258 -12.30 -18.45 -12.92
C LEU B 258 -13.53 -18.71 -12.06
N VAL B 259 -14.36 -19.64 -12.53
CA VAL B 259 -15.57 -20.02 -11.83
C VAL B 259 -15.69 -21.54 -11.97
N LYS B 260 -15.54 -22.26 -10.86
CA LYS B 260 -15.61 -23.72 -10.89
C LYS B 260 -16.57 -24.32 -9.87
N THR B 261 -16.74 -25.63 -9.95
CA THR B 261 -17.61 -26.36 -9.04
C THR B 261 -16.77 -27.32 -8.22
N VAL B 262 -16.94 -27.29 -6.91
CA VAL B 262 -16.19 -28.16 -6.03
C VAL B 262 -17.12 -28.94 -5.13
N PRO B 263 -16.71 -30.14 -4.71
CA PRO B 263 -17.53 -30.98 -3.83
C PRO B 263 -17.69 -30.35 -2.45
N ALA B 264 -18.64 -30.86 -1.69
CA ALA B 264 -18.87 -30.38 -0.33
C ALA B 264 -17.68 -30.81 0.51
N GLY B 265 -17.29 -29.97 1.47
CA GLY B 265 -16.18 -30.30 2.35
C GLY B 265 -14.79 -29.99 1.80
N HIS B 266 -14.72 -29.13 0.78
CA HIS B 266 -13.45 -28.76 0.17
C HIS B 266 -12.87 -27.50 0.82
N GLY B 267 -11.59 -27.54 1.16
CA GLY B 267 -10.93 -26.41 1.78
C GLY B 267 -10.64 -25.31 0.78
N VAL B 268 -10.69 -24.06 1.22
CA VAL B 268 -10.44 -22.94 0.33
C VAL B 268 -9.39 -22.00 0.90
N SER B 269 -8.47 -21.57 0.03
CA SER B 269 -7.40 -20.63 0.38
C SER B 269 -6.39 -21.14 1.42
N TYR B 270 -5.37 -20.34 1.67
CA TYR B 270 -4.32 -20.69 2.64
C TYR B 270 -4.91 -21.03 4.00
N GLY B 271 -4.31 -22.01 4.66
CA GLY B 271 -4.76 -22.42 5.97
C GLY B 271 -6.15 -23.01 6.02
N HIS B 272 -6.78 -23.16 4.86
CA HIS B 272 -8.12 -23.72 4.76
C HIS B 272 -9.03 -23.14 5.84
N HIS B 273 -9.04 -21.82 5.97
CA HIS B 273 -9.86 -21.14 6.96
C HIS B 273 -11.31 -20.98 6.50
N TYR B 274 -11.69 -21.82 5.55
CA TYR B 274 -13.05 -21.84 4.99
C TYR B 274 -13.25 -23.18 4.31
N VAL B 275 -14.31 -23.89 4.71
CA VAL B 275 -14.62 -25.18 4.12
C VAL B 275 -16.01 -25.16 3.50
N THR B 276 -16.11 -25.59 2.25
CA THR B 276 -17.39 -25.61 1.54
C THR B 276 -18.40 -26.51 2.26
N GLU B 277 -19.56 -25.93 2.57
CA GLU B 277 -20.62 -26.66 3.27
C GLU B 277 -21.28 -27.69 2.38
N SER B 278 -21.40 -27.34 1.10
CA SER B 278 -22.02 -28.22 0.12
C SER B 278 -21.38 -27.99 -1.24
N GLU B 279 -21.48 -28.97 -2.13
CA GLU B 279 -20.92 -28.80 -3.47
C GLU B 279 -21.38 -27.42 -3.94
N THR B 280 -20.43 -26.55 -4.29
CA THR B 280 -20.79 -25.20 -4.70
C THR B 280 -20.01 -24.58 -5.85
N HIS B 281 -20.30 -23.30 -6.12
CA HIS B 281 -19.67 -22.52 -7.18
C HIS B 281 -18.67 -21.54 -6.55
N LEU B 282 -17.39 -21.68 -6.90
CA LEU B 282 -16.38 -20.81 -6.35
C LEU B 282 -15.79 -19.86 -7.41
N ALA B 283 -15.97 -18.56 -7.19
CA ALA B 283 -15.45 -17.56 -8.12
C ALA B 283 -14.07 -17.10 -7.63
N LEU B 284 -13.27 -16.57 -8.54
CA LEU B 284 -11.93 -16.10 -8.19
C LEU B 284 -11.70 -14.64 -8.57
N VAL B 285 -11.56 -13.77 -7.56
CA VAL B 285 -11.30 -12.34 -7.76
C VAL B 285 -9.79 -12.15 -7.80
N PRO B 286 -9.25 -11.59 -8.91
CA PRO B 286 -7.80 -11.41 -9.00
C PRO B 286 -7.21 -10.14 -8.39
N ALA B 287 -7.52 -9.90 -7.12
CA ALA B 287 -6.99 -8.73 -6.41
C ALA B 287 -6.70 -9.15 -4.98
N GLY B 288 -5.45 -8.98 -4.55
CA GLY B 288 -5.07 -9.36 -3.20
C GLY B 288 -4.59 -8.18 -2.36
N TYR B 289 -3.91 -8.46 -1.23
CA TYR B 289 -3.45 -7.37 -0.37
C TYR B 289 -2.35 -6.50 -0.98
N ALA B 290 -1.64 -7.02 -1.98
CA ALA B 290 -0.61 -6.21 -2.63
C ALA B 290 -1.28 -5.12 -3.47
N ASP B 291 -2.53 -5.36 -3.86
CA ASP B 291 -3.28 -4.39 -4.66
C ASP B 291 -3.97 -3.41 -3.74
N GLY B 292 -3.85 -3.65 -2.43
CA GLY B 292 -4.49 -2.78 -1.45
C GLY B 292 -5.67 -3.38 -0.71
N ILE B 293 -6.02 -4.64 -1.01
CA ILE B 293 -7.14 -5.32 -0.32
C ILE B 293 -6.65 -5.82 1.04
N PRO B 294 -7.11 -5.18 2.13
CA PRO B 294 -6.70 -5.58 3.49
C PRO B 294 -6.85 -7.06 3.77
N ARG B 295 -5.77 -7.66 4.26
CA ARG B 295 -5.79 -9.08 4.58
C ARG B 295 -6.54 -9.33 5.89
N ASN B 296 -6.75 -8.27 6.66
CA ASN B 296 -7.47 -8.38 7.92
C ASN B 296 -8.95 -8.43 7.60
N ALA B 297 -9.26 -8.25 6.32
CA ALA B 297 -10.65 -8.27 5.82
C ALA B 297 -11.05 -9.69 5.44
N SER B 298 -10.12 -10.61 5.64
CA SER B 298 -10.34 -12.02 5.34
C SER B 298 -11.65 -12.54 5.96
N GLY B 299 -12.53 -13.02 5.09
CA GLY B 299 -13.79 -13.56 5.55
C GLY B 299 -14.93 -12.58 5.73
N ARG B 300 -14.65 -11.28 5.66
CA ARG B 300 -15.68 -10.27 5.85
C ARG B 300 -15.90 -9.33 4.65
N GLY B 301 -14.82 -8.90 4.02
CA GLY B 301 -14.93 -7.98 2.89
C GLY B 301 -16.03 -8.28 1.89
N PRO B 302 -16.92 -7.32 1.62
CA PRO B 302 -18.03 -7.49 0.67
C PRO B 302 -17.65 -7.20 -0.78
N VAL B 303 -18.18 -8.02 -1.68
CA VAL B 303 -17.92 -7.85 -3.11
C VAL B 303 -19.25 -7.99 -3.82
N LEU B 304 -19.50 -7.09 -4.77
CA LEU B 304 -20.74 -7.15 -5.51
C LEU B 304 -20.58 -8.06 -6.71
N VAL B 305 -21.03 -9.31 -6.58
CA VAL B 305 -20.95 -10.25 -7.69
C VAL B 305 -22.32 -10.85 -7.98
N ALA B 306 -22.68 -10.84 -9.26
CA ALA B 306 -23.95 -11.38 -9.75
C ALA B 306 -25.19 -10.93 -8.98
N GLY B 307 -25.46 -9.63 -9.02
CA GLY B 307 -26.63 -9.07 -8.36
C GLY B 307 -26.72 -9.22 -6.85
N LYS B 308 -25.74 -9.89 -6.24
CA LYS B 308 -25.76 -10.07 -4.80
C LYS B 308 -24.41 -9.79 -4.17
N ILE B 309 -24.45 -9.29 -2.96
CA ILE B 309 -23.23 -8.98 -2.22
C ILE B 309 -22.68 -10.28 -1.70
N ARG B 310 -21.44 -10.59 -2.05
CA ARG B 310 -20.80 -11.83 -1.60
C ARG B 310 -19.74 -11.48 -0.55
N ARG B 311 -19.18 -12.49 0.11
CA ARG B 311 -18.16 -12.26 1.13
C ARG B 311 -16.85 -12.96 0.79
N ALA B 312 -15.75 -12.38 1.24
CA ALA B 312 -14.43 -12.95 0.99
C ALA B 312 -14.48 -14.36 1.58
N ALA B 313 -14.08 -15.35 0.79
CA ALA B 313 -14.09 -16.73 1.26
C ALA B 313 -12.72 -17.14 1.77
N GLY B 314 -12.61 -17.37 3.06
CA GLY B 314 -11.34 -17.77 3.64
C GLY B 314 -10.29 -16.67 3.67
N ARG B 315 -9.02 -17.07 3.64
CA ARG B 315 -7.89 -16.13 3.68
C ARG B 315 -7.75 -15.35 2.38
N ILE B 316 -7.24 -14.13 2.46
CA ILE B 316 -7.03 -13.29 1.29
C ILE B 316 -5.52 -13.31 0.94
N ALA B 317 -5.19 -13.74 -0.28
CA ALA B 317 -3.79 -13.81 -0.69
C ALA B 317 -3.26 -12.51 -1.30
N MET B 318 -1.96 -12.51 -1.56
CA MET B 318 -1.26 -11.36 -2.10
C MET B 318 -1.82 -10.86 -3.43
N ASP B 319 -2.16 -11.79 -4.32
CA ASP B 319 -2.68 -11.45 -5.64
C ASP B 319 -4.16 -11.69 -5.90
N GLN B 320 -4.81 -12.50 -5.07
CA GLN B 320 -6.22 -12.78 -5.32
C GLN B 320 -6.94 -13.42 -4.14
N PHE B 321 -8.27 -13.47 -4.24
CA PHE B 321 -9.09 -14.09 -3.21
C PHE B 321 -10.32 -14.68 -3.89
N VAL B 322 -10.93 -15.68 -3.26
CA VAL B 322 -12.10 -16.31 -3.84
C VAL B 322 -13.40 -15.97 -3.14
N VAL B 323 -14.50 -16.16 -3.86
CA VAL B 323 -15.83 -15.88 -3.36
C VAL B 323 -16.77 -17.03 -3.74
N ASP B 324 -17.61 -17.45 -2.79
CA ASP B 324 -18.56 -18.53 -2.98
C ASP B 324 -19.91 -18.02 -3.50
N LEU B 325 -20.20 -18.27 -4.78
CA LEU B 325 -21.45 -17.82 -5.38
C LEU B 325 -22.63 -18.71 -5.00
N GLY B 326 -22.32 -19.88 -4.46
CA GLY B 326 -23.37 -20.81 -4.07
C GLY B 326 -24.08 -21.41 -5.26
N GLU B 327 -25.38 -21.20 -5.33
CA GLU B 327 -26.18 -21.72 -6.43
C GLU B 327 -26.05 -20.85 -7.66
N ASP B 328 -25.79 -19.56 -7.44
CA ASP B 328 -25.66 -18.60 -8.52
C ASP B 328 -24.55 -18.91 -9.53
N LEU B 329 -24.73 -18.42 -10.75
CA LEU B 329 -23.77 -18.63 -11.82
C LEU B 329 -23.05 -17.34 -12.23
N ALA B 330 -21.90 -17.49 -12.87
CA ALA B 330 -21.09 -16.37 -13.33
C ALA B 330 -19.93 -16.96 -14.13
N GLU B 331 -19.23 -16.14 -14.91
CA GLU B 331 -18.13 -16.66 -15.71
C GLU B 331 -16.88 -15.77 -15.75
N ALA B 332 -15.78 -16.36 -16.21
CA ALA B 332 -14.51 -15.65 -16.32
C ALA B 332 -14.69 -14.36 -17.12
N GLY B 333 -14.17 -13.25 -16.59
CA GLY B 333 -14.27 -11.97 -17.28
C GLY B 333 -15.37 -11.07 -16.75
N ASP B 334 -16.35 -11.65 -16.06
CA ASP B 334 -17.47 -10.90 -15.51
C ASP B 334 -17.00 -9.83 -14.50
N GLU B 335 -17.76 -8.75 -14.39
CA GLU B 335 -17.46 -7.64 -13.50
C GLU B 335 -17.80 -7.86 -12.02
N ALA B 336 -16.91 -7.41 -11.14
CA ALA B 336 -17.10 -7.49 -9.70
C ALA B 336 -16.78 -6.10 -9.15
N VAL B 337 -17.58 -5.59 -8.22
CA VAL B 337 -17.35 -4.27 -7.63
C VAL B 337 -16.94 -4.37 -6.16
N ILE B 338 -15.64 -4.28 -5.91
CA ILE B 338 -15.12 -4.38 -4.54
C ILE B 338 -15.51 -3.21 -3.62
N LEU B 339 -15.61 -2.03 -4.21
CA LEU B 339 -16.00 -0.86 -3.43
C LEU B 339 -16.41 0.28 -4.38
N GLY B 340 -17.51 0.96 -4.05
CA GLY B 340 -18.01 2.03 -4.88
C GLY B 340 -19.03 2.93 -4.23
N ASP B 341 -20.21 3.05 -4.85
CA ASP B 341 -21.27 3.93 -4.32
C ASP B 341 -22.41 3.22 -3.58
N ALA B 342 -22.77 3.75 -2.42
CA ALA B 342 -23.85 3.17 -1.62
C ALA B 342 -25.20 3.43 -2.28
N GLU B 343 -25.24 4.42 -3.17
CA GLU B 343 -26.47 4.79 -3.87
C GLU B 343 -26.68 3.97 -5.13
N ARG B 344 -25.74 3.08 -5.44
CA ARG B 344 -25.81 2.23 -6.61
C ARG B 344 -25.89 0.79 -6.12
N GLY B 345 -26.21 0.62 -4.84
CA GLY B 345 -26.32 -0.70 -4.26
C GLY B 345 -25.00 -1.44 -4.13
N GLU B 346 -23.88 -0.72 -4.28
CA GLU B 346 -22.56 -1.35 -4.18
C GLU B 346 -21.93 -1.14 -2.80
N PRO B 347 -20.80 -1.83 -2.52
CA PRO B 347 -20.10 -1.70 -1.24
C PRO B 347 -19.34 -0.38 -1.15
N THR B 348 -18.99 0.04 0.06
CA THR B 348 -18.27 1.30 0.23
C THR B 348 -16.98 1.16 1.04
N ALA B 349 -16.20 2.23 1.04
CA ALA B 349 -14.93 2.26 1.76
C ALA B 349 -15.16 2.10 3.25
N GLU B 350 -16.36 2.46 3.70
CA GLU B 350 -16.71 2.34 5.12
C GLU B 350 -16.97 0.87 5.40
N ASP B 351 -17.65 0.21 4.47
CA ASP B 351 -17.97 -1.21 4.60
C ASP B 351 -16.71 -2.03 4.76
N TRP B 352 -15.66 -1.64 4.04
CA TRP B 352 -14.41 -2.37 4.11
C TRP B 352 -13.60 -2.00 5.35
N ALA B 353 -13.72 -0.75 5.79
CA ALA B 353 -13.04 -0.29 6.99
C ALA B 353 -13.50 -1.21 8.11
N GLN B 354 -14.82 -1.30 8.27
CA GLN B 354 -15.43 -2.14 9.28
C GLN B 354 -15.03 -3.59 9.12
N ALA B 355 -15.04 -4.07 7.87
CA ALA B 355 -14.65 -5.44 7.59
C ALA B 355 -13.21 -5.66 8.01
N ALA B 356 -12.35 -4.67 7.78
CA ALA B 356 -10.94 -4.79 8.12
C ALA B 356 -10.50 -4.18 9.46
N HIS B 357 -11.47 -3.72 10.24
CA HIS B 357 -11.18 -3.15 11.55
C HIS B 357 -10.26 -1.93 11.49
N THR B 358 -10.53 -1.03 10.56
CA THR B 358 -9.73 0.18 10.43
C THR B 358 -10.66 1.32 10.09
N ILE B 359 -10.14 2.36 9.44
CA ILE B 359 -10.95 3.53 9.08
C ILE B 359 -10.95 3.77 7.59
N ALA B 360 -11.99 4.45 7.09
CA ALA B 360 -12.12 4.73 5.67
C ALA B 360 -10.92 5.49 5.11
N TYR B 361 -10.15 6.11 5.99
CA TYR B 361 -8.98 6.87 5.56
C TYR B 361 -7.93 5.93 4.98
N GLU B 362 -7.75 4.79 5.64
CA GLU B 362 -6.78 3.78 5.24
C GLU B 362 -7.17 3.05 3.96
N ILE B 363 -8.43 2.63 3.89
CA ILE B 363 -8.97 1.89 2.74
C ILE B 363 -8.66 2.52 1.38
N VAL B 364 -9.10 3.76 1.20
CA VAL B 364 -8.86 4.43 -0.07
C VAL B 364 -7.36 4.75 -0.28
N THR B 365 -6.74 5.33 0.74
CA THR B 365 -5.34 5.70 0.66
C THR B 365 -4.39 4.58 0.28
N ARG B 366 -4.58 3.39 0.86
CA ARG B 366 -3.69 2.26 0.58
C ARG B 366 -3.96 1.47 -0.69
N ILE B 367 -4.80 1.98 -1.59
CA ILE B 367 -5.08 1.28 -2.84
C ILE B 367 -3.83 1.41 -3.70
N GLY B 368 -3.19 0.27 -3.97
CA GLY B 368 -1.94 0.20 -4.72
C GLY B 368 -1.69 0.94 -6.01
N GLY B 369 -0.45 0.84 -6.47
CA GLY B 369 -0.05 1.49 -7.71
C GLY B 369 -0.22 0.51 -8.86
N ARG B 370 -0.06 -0.77 -8.56
CA ARG B 370 -0.23 -1.84 -9.54
C ARG B 370 -1.61 -1.68 -10.17
N VAL B 371 -2.48 -0.96 -9.47
CA VAL B 371 -3.84 -0.74 -9.90
C VAL B 371 -3.99 0.56 -10.68
N PRO B 372 -4.37 0.46 -11.96
CA PRO B 372 -4.56 1.65 -12.80
C PRO B 372 -5.76 2.47 -12.39
N ARG B 373 -5.69 3.77 -12.66
CA ARG B 373 -6.78 4.68 -12.35
C ARG B 373 -7.31 5.16 -13.69
N VAL B 374 -8.63 5.28 -13.78
CA VAL B 374 -9.31 5.70 -15.00
C VAL B 374 -10.23 6.88 -14.64
N TYR B 375 -9.99 8.04 -15.26
CA TYR B 375 -10.77 9.22 -14.94
C TYR B 375 -11.97 9.47 -15.83
N LEU B 376 -12.99 10.05 -15.21
CA LEU B 376 -14.23 10.41 -15.89
C LEU B 376 -14.73 11.69 -15.24
N GLY B 377 -15.29 12.59 -16.04
CA GLY B 377 -15.79 13.83 -15.50
C GLY B 377 -14.79 14.97 -15.59
N GLY B 378 -15.14 16.11 -14.99
CA GLY B 378 -14.25 17.27 -15.04
C GLY B 378 -13.96 17.61 -16.49
N LEU B 379 -12.88 18.35 -16.71
CA LEU B 379 -12.50 18.72 -18.07
C LEU B 379 -11.46 17.73 -18.60
N GLU B 380 -11.18 17.79 -19.90
CA GLU B 380 -10.23 16.86 -20.49
C GLU B 380 -8.82 16.91 -19.92
N HIS B 381 -8.23 18.08 -19.86
CA HIS B 381 -6.87 18.19 -19.34
C HIS B 381 -6.75 17.73 -17.90
N HIS B 382 -7.88 17.51 -17.23
CA HIS B 382 -7.87 17.04 -15.85
C HIS B 382 -7.34 15.61 -15.76
N HIS B 383 -7.68 14.81 -16.76
CA HIS B 383 -7.29 13.39 -16.85
C HIS B 383 -5.81 13.12 -17.06
N HIS B 384 -4.95 14.08 -16.75
CA HIS B 384 -3.50 13.89 -16.92
C HIS B 384 -2.77 13.91 -15.57
CL CL C . -14.06 -23.14 -18.50
N1 DCS D . 3.75 -19.86 -6.55
C2 DCS D . 2.49 -19.25 -6.40
C2A DCS D . 1.33 -19.63 -7.28
C3 DCS D . 2.37 -18.33 -5.39
O3 DCS D . 1.24 -17.60 -5.29
C4 DCS D . 3.48 -18.07 -4.54
C4A DCS D . 3.25 -17.38 -3.23
C5 DCS D . 4.71 -18.73 -4.79
C6 DCS D . 4.81 -19.61 -5.77
C5A DCS D . 5.98 -18.41 -4.01
O4P DCS D . 5.79 -18.76 -2.65
P DCS D . 6.70 -18.26 -1.46
O1P DCS D . 8.03 -18.82 -1.75
O2P DCS D . 6.70 -16.80 -1.50
O3P DCS D . 6.11 -18.79 -0.23
N DCS D . 2.85 -15.95 -3.39
CA DCS D . 1.95 -15.44 -2.46
C DCS D . 0.54 -15.40 -2.67
O DCS D . -0.07 -15.50 -3.88
ND DCS D . -0.06 -15.28 -1.51
OG DCS D . 0.90 -15.24 -0.52
CB DCS D . 2.12 -15.33 -1.10
N1 DCS E . -4.93 19.34 8.07
C2 DCS E . -3.82 18.61 8.53
C2A DCS E . -2.70 19.26 9.31
C3 DCS E . -3.78 17.28 8.25
O3 DCS E . -2.76 16.52 8.68
C4 DCS E . -4.85 16.69 7.51
C4A DCS E . -4.81 15.25 7.13
C5 DCS E . -5.93 17.52 7.09
C6 DCS E . -5.94 18.80 7.38
C5A DCS E . -7.12 16.97 6.31
O4P DCS E . -7.93 16.18 7.16
P DCS E . -9.22 15.40 6.68
O1P DCS E . -10.15 16.41 6.20
O2P DCS E . -8.79 14.49 5.63
O3P DCS E . -9.75 14.69 7.85
N DCS E . -4.69 14.39 8.37
CA DCS E . -3.87 13.25 8.36
C DCS E . -2.44 13.27 8.43
O DCS E . -1.65 14.27 7.95
ND DCS E . -2.02 12.16 8.96
OG DCS E . -3.10 11.38 9.25
CB DCS E . -4.24 12.03 8.88
#